data_5WB9
#
_entry.id   5WB9
#
_cell.length_a   127.562
_cell.length_b   68.567
_cell.length_c   119.356
_cell.angle_alpha   90.00
_cell.angle_beta   111.36
_cell.angle_gamma   90.00
#
_symmetry.space_group_name_H-M   'C 1 2 1'
#
loop_
_entity.id
_entity.type
_entity.pdbx_description
1 polymer 'clade A/E 93TH057 HIV-1 gp120 core'
2 polymer 'N60P23 Fab heavy chain'
3 polymer 'N60P23 Fab light chain'
4 non-polymer 2-acetamido-2-deoxy-beta-D-glucopyranose
5 non-polymer (4S)-2-METHYL-2,4-PENTANEDIOL
6 non-polymer '3[N-MORPHOLINO]PROPANE SULFONIC ACID'
7 water water
#
loop_
_entity_poly.entity_id
_entity_poly.type
_entity_poly.pdbx_seq_one_letter_code
_entity_poly.pdbx_strand_id
1 'polypeptide(L)'
;VWKDADTTLFCASDAKAHETEVHNVWATHACVPTDPNPQEIHLENVTENFNMWKNNMVEQMQEDVISLWDQSLQPCVKLT
GGSVIKQACPKISFDPIPIHYCTPAGYVILKCNDKNFNGTGPCKNVSSVQCTHGIKPVVSTQLLLNGSLAEEEIIIRSEN
LTNNAKTIIVHLNKSVEINCTRPSNGGSGSGGDIRKAYCEINGTKWNKVLKQVTEKLKEHFNNKTIIFQPPSGGDLEITM
HSFNCRGEFFYCNTTQLFNNTCIGNETMKGCNGTITLPCKIKQIINMWQGTGQAMYAPPIDGKINCVSNITGILLTRDGG
ANNTSNETFRPGGGNIKDNWRSELYKYKVVQIE
;
G
2 'polypeptide(L)'
;QIELVQSGTEVKRPGASVRISCASSGYRFTNYFIHWVRQAPGRGLEWMGWMNPLHGGVNYSGRFQGRVTMTRDIYTETSF
MVLSGLRSDDSAIYFCTRGRDGYDDGFHPWGQGTLVTVTAASTKGPSVFPLAPSSKSTSGGTAALGCLVKDYFPEPVTVS
WNSGALTSGVHTFPAVLQSSGLYSLSSVVTVPSSSLGTQTYICNVNHKPSNTKVDKRVEPKSCDKTH
;
H
3 'polypeptide(L)'
;CFVQSQSPSTLYASVGDKITITCRSSQSGWKAWYQQKPGKAPKLLIYKSSILETGVPSRFIGSDSGTEFTLTISSLQPDD
FATYYCQHFETFGQGTRVQVRRTVAAPSVFIFPPSDEQLKSGTASVVCLLNNFYPREAKVQWKVDNALQSGNSQESVTEQ
DSKDSTYSLSSTLTLSKADYEKHKVYACEVTHQGLSSPVTKSFNRGEC
;
L
#
# COMPACT_ATOMS: atom_id res chain seq x y z
N TRP A 2 16.99 -27.94 -27.78
CA TRP A 2 17.32 -26.69 -27.00
C TRP A 2 16.57 -26.59 -25.69
N LYS A 3 17.00 -25.64 -24.87
CA LYS A 3 16.36 -25.29 -23.61
C LYS A 3 16.60 -23.80 -23.34
N ASP A 4 15.87 -23.27 -22.38
CA ASP A 4 16.05 -21.88 -21.95
C ASP A 4 17.43 -21.70 -21.30
N ALA A 5 18.08 -20.56 -21.57
CA ALA A 5 19.32 -20.18 -20.87
C ALA A 5 19.72 -18.79 -21.28
N ASP A 6 20.64 -18.21 -20.52
CA ASP A 6 21.15 -16.86 -20.79
C ASP A 6 22.66 -16.90 -21.08
N THR A 7 23.14 -15.89 -21.78
CA THR A 7 24.55 -15.76 -22.08
C THR A 7 24.81 -14.33 -22.52
N THR A 8 26.01 -13.84 -22.32
CA THR A 8 26.32 -12.48 -22.77
C THR A 8 26.18 -12.41 -24.29
N LEU A 9 25.28 -11.53 -24.71
CA LEU A 9 25.01 -11.19 -26.11
C LEU A 9 26.08 -10.24 -26.61
N PHE A 10 26.13 -10.07 -27.93
CA PHE A 10 26.91 -8.98 -28.57
C PHE A 10 26.02 -8.17 -29.52
N CYS A 11 26.44 -6.95 -29.82
CA CYS A 11 25.64 -6.03 -30.63
C CYS A 11 26.24 -5.77 -31.99
N ALA A 12 25.41 -5.19 -32.86
CA ALA A 12 25.74 -4.96 -34.26
C ALA A 12 24.91 -3.80 -34.84
N SER A 13 25.57 -2.85 -35.51
CA SER A 13 24.86 -1.65 -36.04
C SER A 13 25.49 -1.06 -37.29
N ASP A 14 24.71 -0.30 -38.04
CA ASP A 14 25.20 0.37 -39.27
C ASP A 14 25.90 1.70 -38.99
N ALA A 15 26.81 1.68 -38.02
CA ALA A 15 27.38 2.88 -37.47
C ALA A 15 28.79 3.17 -37.97
N LYS A 16 29.10 4.45 -38.05
CA LYS A 16 30.26 4.92 -38.81
C LYS A 16 31.33 5.48 -37.86
N ALA A 17 32.59 5.23 -38.23
CA ALA A 17 33.76 5.71 -37.49
C ALA A 17 34.03 7.19 -37.72
N HIS A 18 33.60 7.75 -38.87
CA HIS A 18 33.72 9.19 -39.16
C HIS A 18 32.56 10.03 -38.59
N GLU A 19 31.67 9.44 -37.80
CA GLU A 19 30.57 10.22 -37.26
C GLU A 19 30.91 10.84 -35.90
N THR A 20 30.62 12.12 -35.76
CA THR A 20 30.69 12.78 -34.45
C THR A 20 29.59 12.30 -33.50
N GLU A 21 28.47 11.82 -34.06
CA GLU A 21 27.29 11.41 -33.28
C GLU A 21 27.60 10.25 -32.29
N VAL A 22 27.03 10.37 -31.10
CA VAL A 22 27.60 9.78 -29.93
C VAL A 22 27.30 8.26 -29.78
N HIS A 23 26.10 7.84 -30.21
CA HIS A 23 25.77 6.43 -30.41
C HIS A 23 26.70 5.72 -31.41
N ASN A 24 26.95 6.37 -32.56
CA ASN A 24 27.93 5.83 -33.56
C ASN A 24 29.30 5.59 -32.91
N VAL A 25 29.80 6.60 -32.22
CA VAL A 25 31.10 6.52 -31.56
C VAL A 25 31.16 5.35 -30.58
N TRP A 26 30.12 5.16 -29.75
CA TRP A 26 30.04 3.99 -28.84
C TRP A 26 29.92 2.67 -29.61
N ALA A 27 29.05 2.65 -30.61
CA ALA A 27 28.84 1.51 -31.48
C ALA A 27 30.12 1.09 -32.23
N THR A 28 30.98 2.06 -32.56
CA THR A 28 32.21 1.74 -33.31
C THR A 28 33.17 0.84 -32.54
N HIS A 29 33.34 1.12 -31.25
CA HIS A 29 34.31 0.41 -30.41
C HIS A 29 33.66 -0.73 -29.59
N ALA A 30 32.31 -0.74 -29.51
CA ALA A 30 31.55 -1.69 -28.66
C ALA A 30 30.67 -2.74 -29.39
N CYS A 31 30.35 -2.50 -30.66
CA CYS A 31 29.54 -3.40 -31.47
C CYS A 31 30.28 -3.72 -32.74
N VAL A 32 29.71 -4.68 -33.47
CA VAL A 32 30.23 -5.12 -34.76
C VAL A 32 29.34 -4.53 -35.87
N PRO A 33 29.70 -4.77 -37.14
CA PRO A 33 28.76 -4.41 -38.22
C PRO A 33 27.56 -5.33 -38.27
N THR A 34 26.41 -4.75 -38.61
CA THR A 34 25.17 -5.43 -38.91
C THR A 34 25.38 -6.65 -39.81
N ASP A 35 24.50 -7.64 -39.67
CA ASP A 35 24.66 -8.93 -40.35
C ASP A 35 24.43 -8.72 -41.86
N PRO A 36 25.50 -8.80 -42.66
CA PRO A 36 25.30 -8.50 -44.08
C PRO A 36 24.50 -9.57 -44.84
N ASN A 37 24.08 -10.66 -44.19
CA ASN A 37 23.05 -11.55 -44.74
C ASN A 37 22.24 -12.26 -43.63
N PRO A 38 21.23 -11.55 -43.04
CA PRO A 38 20.45 -12.10 -41.90
C PRO A 38 19.46 -13.14 -42.38
N GLN A 39 19.42 -14.29 -41.70
CA GLN A 39 18.60 -15.41 -42.16
C GLN A 39 17.65 -15.81 -41.03
N GLU A 40 16.40 -16.03 -41.40
CA GLU A 40 15.32 -16.43 -40.51
C GLU A 40 14.77 -17.72 -41.08
N ILE A 41 14.83 -18.81 -40.31
CA ILE A 41 14.20 -20.06 -40.75
C ILE A 41 13.06 -20.35 -39.78
N HIS A 42 11.84 -20.47 -40.33
CA HIS A 42 10.62 -20.80 -39.54
C HIS A 42 10.70 -22.25 -39.06
N LEU A 43 10.31 -22.47 -37.81
CA LEU A 43 10.29 -23.80 -37.21
C LEU A 43 8.86 -24.30 -37.27
N GLU A 44 8.61 -25.36 -38.03
CA GLU A 44 7.25 -25.83 -38.27
C GLU A 44 6.78 -26.58 -37.04
N ASN A 45 5.50 -26.39 -36.69
CA ASN A 45 4.85 -27.12 -35.60
C ASN A 45 5.58 -27.03 -34.25
N VAL A 46 6.20 -25.90 -33.97
CA VAL A 46 6.80 -25.70 -32.67
C VAL A 46 5.91 -24.74 -31.91
N THR A 47 5.62 -25.11 -30.66
CA THR A 47 5.02 -24.20 -29.71
C THR A 47 6.07 -23.97 -28.63
N GLU A 48 6.20 -22.71 -28.22
CA GLU A 48 7.23 -22.22 -27.29
C GLU A 48 6.62 -21.20 -26.32
N ASN A 49 7.00 -21.25 -25.06
CA ASN A 49 6.58 -20.25 -24.07
C ASN A 49 7.54 -19.05 -23.97
N PHE A 50 7.00 -17.85 -24.07
CA PHE A 50 7.81 -16.61 -23.93
C PHE A 50 7.34 -15.84 -22.69
N ASN A 51 8.27 -15.14 -22.04
CA ASN A 51 7.94 -14.22 -20.99
C ASN A 51 8.76 -12.92 -21.14
N MET A 52 8.18 -11.91 -21.78
CA MET A 52 8.85 -10.62 -21.93
C MET A 52 9.27 -9.98 -20.60
N TRP A 53 8.66 -10.40 -19.49
CA TRP A 53 8.89 -9.76 -18.19
C TRP A 53 10.05 -10.39 -17.43
N LYS A 54 10.45 -11.60 -17.81
CA LYS A 54 11.63 -12.28 -17.23
C LYS A 54 12.49 -12.74 -18.38
N ASN A 55 13.11 -11.75 -19.01
CA ASN A 55 13.98 -11.94 -20.20
C ASN A 55 15.34 -11.24 -20.00
N ASN A 56 16.41 -12.03 -19.81
CA ASN A 56 17.76 -11.45 -19.61
C ASN A 56 18.27 -10.51 -20.71
N MET A 57 17.75 -10.66 -21.92
CA MET A 57 18.04 -9.70 -22.99
C MET A 57 17.91 -8.22 -22.52
N VAL A 58 16.77 -7.89 -21.90
CA VAL A 58 16.48 -6.55 -21.40
C VAL A 58 17.54 -6.01 -20.42
N GLU A 59 17.93 -6.84 -19.45
CA GLU A 59 18.99 -6.48 -18.49
C GLU A 59 20.31 -6.10 -19.20
N GLN A 60 20.59 -6.84 -20.27
CA GLN A 60 21.78 -6.65 -21.08
C GLN A 60 21.69 -5.41 -21.93
N MET A 61 20.52 -5.12 -22.52
CA MET A 61 20.38 -3.94 -23.38
C MET A 61 20.51 -2.70 -22.51
N GLN A 62 19.84 -2.74 -21.36
CA GLN A 62 19.99 -1.74 -20.30
C GLN A 62 21.46 -1.49 -19.91
N GLU A 63 22.21 -2.53 -19.63
CA GLU A 63 23.63 -2.38 -19.28
C GLU A 63 24.39 -1.62 -20.35
N ASP A 64 24.09 -1.91 -21.61
CA ASP A 64 24.75 -1.23 -22.75
C ASP A 64 24.44 0.23 -22.76
N VAL A 65 23.17 0.58 -22.61
CA VAL A 65 22.70 1.94 -22.77
C VAL A 65 23.21 2.78 -21.58
N ILE A 66 23.24 2.21 -20.39
CA ILE A 66 23.90 2.86 -19.26
C ILE A 66 25.35 3.20 -19.64
N SER A 67 26.09 2.21 -20.16
CA SER A 67 27.50 2.41 -20.51
C SER A 67 27.64 3.49 -21.60
N LEU A 68 26.72 3.41 -22.57
CA LEU A 68 26.64 4.30 -23.69
C LEU A 68 26.47 5.74 -23.20
N TRP A 69 25.56 5.94 -22.27
CA TRP A 69 25.25 7.28 -21.75
C TRP A 69 26.34 7.82 -20.84
N ASP A 70 26.81 7.01 -19.89
CA ASP A 70 27.95 7.40 -19.02
C ASP A 70 29.19 7.81 -19.86
N GLN A 71 29.45 7.17 -20.99
CA GLN A 71 30.52 7.60 -21.92
C GLN A 71 30.24 8.80 -22.83
N SER A 72 28.98 9.13 -23.04
CA SER A 72 28.56 9.98 -24.16
C SER A 72 28.18 11.37 -23.70
N LEU A 73 27.27 11.42 -22.73
CA LEU A 73 26.79 12.67 -22.18
C LEU A 73 27.80 13.30 -21.25
N GLN A 74 27.95 14.62 -21.41
CA GLN A 74 29.02 15.37 -20.78
C GLN A 74 28.40 16.50 -19.97
N PRO A 75 27.85 16.17 -18.80
CA PRO A 75 27.37 17.21 -17.89
C PRO A 75 28.49 18.10 -17.33
N CYS A 76 28.17 19.40 -17.19
CA CYS A 76 29.04 20.38 -16.55
C CYS A 76 29.31 20.04 -15.10
N VAL A 77 28.25 19.75 -14.37
CA VAL A 77 28.32 19.39 -12.95
C VAL A 77 27.63 18.05 -12.70
N LYS A 78 28.39 17.10 -12.14
CA LYS A 78 27.88 15.80 -11.71
C LYS A 78 27.80 15.77 -10.17
N LEU A 79 26.67 15.30 -9.63
CA LEU A 79 26.42 15.28 -8.16
C LEU A 79 25.98 13.91 -7.64
N THR A 80 26.59 13.49 -6.54
CA THR A 80 26.23 12.28 -5.78
C THR A 80 26.44 12.58 -4.30
N GLY A 82 28.10 12.02 -2.02
CA GLY A 82 28.39 13.40 -1.67
C GLY A 82 29.24 14.24 -2.64
N SER A 83 30.02 13.60 -3.52
CA SER A 83 30.91 14.34 -4.44
C SER A 83 30.18 15.25 -5.46
N VAL A 84 30.73 16.47 -5.62
CA VAL A 84 30.41 17.41 -6.69
C VAL A 84 31.59 17.43 -7.69
N ILE A 85 31.33 17.08 -8.94
CA ILE A 85 32.35 17.07 -9.99
C ILE A 85 32.05 18.18 -11.01
N LYS A 86 32.99 19.07 -11.24
CA LYS A 86 32.81 20.15 -12.21
C LYS A 86 33.67 19.82 -13.43
N GLN A 87 33.16 19.94 -14.64
CA GLN A 87 33.94 19.53 -15.82
C GLN A 87 33.42 20.04 -17.17
N ALA A 88 34.33 20.03 -18.15
CA ALA A 88 34.05 20.32 -19.56
C ALA A 88 32.76 19.66 -20.06
N CYS A 89 31.89 20.48 -20.66
CA CYS A 89 30.57 20.07 -21.12
C CYS A 89 30.23 20.67 -22.48
N PRO A 90 31.07 20.35 -23.48
CA PRO A 90 30.78 20.86 -24.80
C PRO A 90 29.56 20.13 -25.36
N LYS A 91 28.82 20.80 -26.23
CA LYS A 91 27.67 20.20 -26.88
C LYS A 91 28.11 19.06 -27.78
N ILE A 92 27.19 18.12 -27.94
CA ILE A 92 27.44 16.84 -28.59
C ILE A 92 26.31 16.70 -29.61
N SER A 93 26.47 15.86 -30.63
CA SER A 93 25.34 15.54 -31.49
C SER A 93 24.81 14.23 -31.02
N PHE A 94 23.48 14.15 -30.97
CA PHE A 94 22.82 13.06 -30.32
C PHE A 94 21.57 12.69 -31.11
N ASP A 95 21.58 11.46 -31.61
CA ASP A 95 20.49 10.89 -32.34
C ASP A 95 20.65 9.38 -32.26
N PRO A 96 19.68 8.68 -31.64
CA PRO A 96 19.86 7.24 -31.55
C PRO A 96 19.78 6.54 -32.91
N ILE A 97 20.49 5.43 -33.01
CA ILE A 97 20.44 4.54 -34.15
C ILE A 97 19.96 3.14 -33.71
N PRO A 98 19.54 2.30 -34.69
CA PRO A 98 19.22 0.91 -34.42
C PRO A 98 20.43 0.07 -33.95
N ILE A 99 20.29 -0.55 -32.76
CA ILE A 99 21.19 -1.60 -32.29
C ILE A 99 20.49 -2.96 -32.47
N HIS A 100 21.23 -3.95 -32.95
CA HIS A 100 20.77 -5.34 -33.00
C HIS A 100 21.48 -6.13 -31.91
N TYR A 101 20.81 -7.17 -31.37
CA TYR A 101 21.38 -8.06 -30.37
C TYR A 101 21.45 -9.50 -30.90
N CYS A 102 22.64 -10.11 -30.84
CA CYS A 102 22.95 -11.40 -31.47
C CYS A 102 23.54 -12.37 -30.44
N THR A 103 23.38 -13.66 -30.71
CA THR A 103 23.88 -14.71 -29.86
C THR A 103 25.20 -15.27 -30.40
N PRO A 104 26.12 -15.69 -29.49
CA PRO A 104 27.32 -16.41 -29.90
C PRO A 104 27.00 -17.88 -30.25
N ALA A 105 28.03 -18.68 -30.50
CA ALA A 105 27.87 -20.04 -30.96
C ALA A 105 27.24 -20.91 -29.91
N GLY A 106 26.47 -21.88 -30.37
CA GLY A 106 25.77 -22.78 -29.48
C GLY A 106 24.48 -22.19 -28.95
N TYR A 107 24.13 -20.97 -29.32
CA TYR A 107 22.86 -20.34 -28.88
C TYR A 107 22.16 -19.75 -30.08
N VAL A 108 20.85 -19.59 -29.97
CA VAL A 108 19.99 -19.02 -31.00
C VAL A 108 18.87 -18.23 -30.30
N ILE A 109 18.33 -17.24 -30.99
CA ILE A 109 17.22 -16.44 -30.50
C ILE A 109 15.92 -16.88 -31.14
N LEU A 110 14.95 -17.28 -30.32
CA LEU A 110 13.61 -17.59 -30.80
C LEU A 110 12.83 -16.28 -30.86
N LYS A 111 11.96 -16.21 -31.87
CA LYS A 111 11.15 -15.04 -32.19
C LYS A 111 9.68 -15.45 -32.34
N CYS A 112 8.77 -14.69 -31.72
CA CYS A 112 7.34 -14.95 -31.82
C CYS A 112 6.65 -14.10 -32.87
N ASN A 113 5.94 -14.75 -33.79
CA ASN A 113 5.32 -14.09 -34.91
C ASN A 113 3.80 -14.19 -34.86
N ASP A 114 3.24 -14.58 -33.72
CA ASP A 114 1.79 -14.53 -33.54
C ASP A 114 1.42 -13.06 -33.50
N LYS A 115 0.54 -12.66 -34.41
CA LYS A 115 0.30 -11.23 -34.64
C LYS A 115 -0.37 -10.55 -33.46
N ASN A 116 -1.12 -11.35 -32.67
CA ASN A 116 -1.79 -10.84 -31.49
C ASN A 116 -1.12 -11.26 -30.16
N PHE A 117 0.18 -11.57 -30.22
CA PHE A 117 0.95 -11.99 -29.06
C PHE A 117 1.09 -10.89 -27.97
N ASN A 118 0.64 -11.22 -26.75
CA ASN A 118 0.62 -10.26 -25.63
C ASN A 118 1.97 -10.17 -24.93
N GLY A 119 2.77 -11.22 -25.03
CA GLY A 119 4.14 -11.22 -24.50
C GLY A 119 4.51 -12.17 -23.37
N THR A 120 3.53 -12.93 -22.85
CA THR A 120 3.73 -13.97 -21.83
C THR A 120 3.31 -15.39 -22.22
N GLY A 121 2.36 -15.57 -23.13
CA GLY A 121 1.78 -16.89 -23.30
C GLY A 121 2.66 -17.96 -23.91
N PRO A 122 2.02 -19.03 -24.42
CA PRO A 122 2.69 -19.79 -25.48
C PRO A 122 2.65 -18.99 -26.78
N CYS A 123 3.51 -19.35 -27.71
CA CYS A 123 3.51 -18.75 -29.06
C CYS A 123 3.57 -19.85 -30.11
N LYS A 124 2.60 -19.81 -31.01
CA LYS A 124 2.33 -20.90 -31.95
C LYS A 124 3.04 -20.75 -33.34
N ASN A 125 3.45 -19.53 -33.74
CA ASN A 125 4.27 -19.30 -34.97
C ASN A 125 5.68 -18.82 -34.54
N VAL A 126 6.52 -19.78 -34.17
CA VAL A 126 7.87 -19.49 -33.69
C VAL A 126 8.86 -19.63 -34.85
N SER A 127 9.86 -18.75 -34.81
CA SER A 127 10.94 -18.73 -35.77
C SER A 127 12.28 -18.47 -35.09
N SER A 128 13.37 -18.85 -35.75
CA SER A 128 14.73 -18.60 -35.23
C SER A 128 15.46 -17.55 -36.06
N VAL A 129 16.02 -16.54 -35.36
CA VAL A 129 16.91 -15.52 -35.95
C VAL A 129 18.31 -15.63 -35.35
N GLN A 130 19.27 -14.95 -35.95
CA GLN A 130 20.65 -14.86 -35.45
C GLN A 130 20.87 -13.58 -34.67
N CYS A 131 20.26 -12.49 -35.14
CA CYS A 131 20.12 -11.26 -34.38
C CYS A 131 18.65 -10.82 -34.38
N THR A 132 18.30 -9.97 -33.40
CA THR A 132 17.04 -9.21 -33.39
C THR A 132 16.95 -8.29 -34.58
N HIS A 133 15.81 -7.62 -34.75
CA HIS A 133 15.72 -6.45 -35.63
C HIS A 133 16.51 -5.29 -34.99
N GLY A 134 16.49 -4.13 -35.64
CA GLY A 134 17.24 -2.98 -35.17
C GLY A 134 16.40 -2.20 -34.21
N ILE A 135 16.91 -2.00 -33.01
CA ILE A 135 16.18 -1.33 -31.95
C ILE A 135 16.90 -0.06 -31.54
N LYS A 136 16.17 1.05 -31.66
CA LYS A 136 16.67 2.33 -31.21
C LYS A 136 16.57 2.34 -29.66
N PRO A 137 17.66 2.71 -28.98
CA PRO A 137 17.66 2.86 -27.53
C PRO A 137 17.13 4.21 -27.08
N VAL A 138 15.83 4.44 -27.29
CA VAL A 138 15.24 5.72 -26.98
C VAL A 138 14.92 5.68 -25.49
N VAL A 139 15.38 6.69 -24.75
CA VAL A 139 15.06 6.76 -23.34
C VAL A 139 14.12 7.94 -23.11
N SER A 140 12.84 7.61 -23.10
CA SER A 140 11.75 8.48 -22.73
C SER A 140 10.89 7.85 -21.58
N THR A 141 10.04 8.69 -21.00
CA THR A 141 8.99 8.29 -20.07
C THR A 141 7.60 8.53 -20.67
N GLN A 142 6.60 7.86 -20.11
CA GLN A 142 5.19 8.04 -20.45
C GLN A 142 4.84 7.48 -21.81
N LEU A 143 5.48 8.02 -22.85
CA LEU A 143 5.27 7.63 -24.23
C LEU A 143 6.51 6.93 -24.78
N LEU A 144 6.29 5.79 -25.42
CA LEU A 144 7.31 5.12 -26.22
C LEU A 144 7.36 5.72 -27.64
N LEU A 145 8.58 5.99 -28.09
CA LEU A 145 8.84 6.74 -29.28
C LEU A 145 9.71 5.94 -30.20
N ASN A 146 9.41 5.97 -31.49
CA ASN A 146 10.35 5.56 -32.53
C ASN A 146 10.67 4.04 -32.50
N GLY A 147 9.71 3.26 -31.99
CA GLY A 147 9.78 1.79 -31.98
C GLY A 147 8.99 1.09 -33.09
N SER A 148 8.71 -0.19 -32.89
N SER A 148 8.71 -0.19 -32.87
CA SER A 148 7.88 -0.97 -33.79
CA SER A 148 7.85 -1.00 -33.73
C SER A 148 6.42 -0.71 -33.40
C SER A 148 6.40 -0.69 -33.40
N LEU A 149 5.48 -1.32 -34.13
CA LEU A 149 4.05 -1.17 -33.91
C LEU A 149 3.52 -2.56 -33.75
N ALA A 150 2.34 -2.67 -33.16
CA ALA A 150 1.63 -3.94 -33.11
C ALA A 150 1.09 -4.20 -34.50
N GLU A 151 1.29 -5.42 -34.99
CA GLU A 151 0.82 -5.85 -36.30
C GLU A 151 -0.72 -5.83 -36.52
N GLU A 152 -1.52 -6.24 -35.53
CA GLU A 152 -3.00 -6.33 -35.69
C GLU A 152 -3.80 -5.44 -34.73
N GLU A 153 -4.39 -5.97 -33.64
CA GLU A 153 -5.06 -5.09 -32.65
C GLU A 153 -4.03 -4.44 -31.77
N ILE A 154 -4.49 -3.45 -31.01
CA ILE A 154 -3.71 -2.80 -29.97
C ILE A 154 -3.51 -3.80 -28.88
N ILE A 155 -2.31 -3.84 -28.31
CA ILE A 155 -1.99 -4.88 -27.35
C ILE A 155 -1.62 -4.31 -25.98
N ILE A 156 -2.35 -4.78 -24.96
CA ILE A 156 -2.03 -4.51 -23.58
C ILE A 156 -1.05 -5.58 -23.09
N ARG A 157 0.08 -5.13 -22.56
CA ARG A 157 1.15 -6.01 -22.11
C ARG A 157 1.31 -5.75 -20.62
N SER A 158 1.35 -6.82 -19.82
CA SER A 158 1.64 -6.70 -18.39
C SER A 158 2.10 -8.00 -17.76
N GLU A 159 3.06 -7.94 -16.84
CA GLU A 159 3.39 -9.17 -16.14
C GLU A 159 2.15 -9.78 -15.43
N ASN A 160 1.27 -8.95 -14.89
CA ASN A 160 -0.06 -9.42 -14.44
C ASN A 160 -0.99 -8.23 -14.33
N LEU A 161 -2.12 -8.19 -15.03
CA LEU A 161 -2.97 -6.95 -15.02
C LEU A 161 -3.72 -6.70 -13.74
N THR A 162 -3.96 -7.73 -12.97
CA THR A 162 -4.74 -7.62 -11.72
C THR A 162 -3.83 -7.04 -10.63
N ASN A 163 -2.50 -7.10 -10.88
CA ASN A 163 -1.48 -6.55 -9.99
C ASN A 163 -1.11 -5.09 -10.34
N ASN A 164 -1.48 -4.18 -9.46
CA ASN A 164 -1.29 -2.77 -9.69
C ASN A 164 0.16 -2.28 -9.55
N ALA A 165 1.06 -3.12 -9.01
CA ALA A 165 2.50 -2.82 -8.97
C ALA A 165 3.19 -3.08 -10.31
N LYS A 166 2.58 -3.85 -11.19
CA LYS A 166 3.17 -4.18 -12.47
C LYS A 166 2.95 -3.05 -13.45
N THR A 167 3.98 -2.69 -14.18
CA THR A 167 3.87 -1.66 -15.20
C THR A 167 3.07 -2.24 -16.39
N ILE A 168 2.29 -1.36 -17.04
CA ILE A 168 1.51 -1.69 -18.24
C ILE A 168 2.09 -1.07 -19.50
N ILE A 169 2.21 -1.87 -20.54
CA ILE A 169 2.70 -1.39 -21.83
C ILE A 169 1.58 -1.50 -22.85
N VAL A 170 1.16 -0.37 -23.39
CA VAL A 170 0.27 -0.33 -24.53
C VAL A 170 1.10 -0.28 -25.81
N HIS A 171 0.80 -1.19 -26.74
CA HIS A 171 1.47 -1.27 -28.04
C HIS A 171 0.41 -0.81 -29.02
N LEU A 172 0.60 0.38 -29.54
CA LEU A 172 -0.24 0.91 -30.62
C LEU A 172 -0.05 0.15 -31.93
N ASN A 173 -1.13 0.06 -32.73
CA ASN A 173 -1.13 -0.53 -34.10
C ASN A 173 -1.18 0.56 -35.20
N LYS A 174 -1.13 1.83 -34.78
CA LYS A 174 -1.06 2.97 -35.66
C LYS A 174 -0.34 4.08 -34.92
N SER A 175 0.83 4.47 -35.42
CA SER A 175 1.66 5.46 -34.74
C SER A 175 1.02 6.84 -34.89
N VAL A 176 1.43 7.78 -34.04
CA VAL A 176 0.90 9.16 -34.05
C VAL A 176 2.05 10.15 -33.80
N GLU A 177 2.14 11.14 -34.67
CA GLU A 177 3.21 12.11 -34.60
C GLU A 177 3.18 13.00 -33.38
N ILE A 178 4.37 13.21 -32.84
CA ILE A 178 4.58 14.25 -31.86
C ILE A 178 5.74 15.14 -32.36
N ASN A 179 5.42 16.43 -32.53
CA ASN A 179 6.33 17.42 -33.10
C ASN A 179 6.76 18.45 -32.08
N CYS A 180 7.91 18.23 -31.48
CA CYS A 180 8.38 19.09 -30.40
C CYS A 180 9.41 20.01 -30.91
N THR A 181 9.22 21.30 -30.59
CA THR A 181 10.06 22.35 -31.13
C THR A 181 10.44 23.26 -30.00
N ARG A 182 11.72 23.54 -29.88
CA ARG A 182 12.17 24.81 -29.31
C ARG A 182 12.43 25.74 -30.50
N PRO A 183 11.70 26.88 -30.58
CA PRO A 183 11.93 27.83 -31.72
C PRO A 183 13.16 28.71 -31.57
N SER A 184 13.50 29.43 -32.63
CA SER A 184 14.60 30.40 -32.65
C SER A 184 14.08 31.75 -32.11
N ASN A 185 14.84 32.55 -31.34
CA ASN A 185 16.10 32.19 -30.64
C ASN A 185 16.21 32.93 -29.27
N ASP A 193 13.36 32.85 -21.90
CA ASP A 193 12.46 32.18 -22.86
C ASP A 193 13.17 31.05 -23.68
N ILE A 194 14.51 31.00 -23.65
CA ILE A 194 15.28 29.99 -24.43
C ILE A 194 15.03 28.54 -24.02
N ARG A 195 14.60 28.35 -22.77
CA ARG A 195 14.25 27.02 -22.32
C ARG A 195 12.77 26.68 -22.59
N LYS A 196 11.99 27.63 -23.11
CA LYS A 196 10.56 27.42 -23.36
C LYS A 196 10.40 26.68 -24.66
N ALA A 197 9.58 25.64 -24.65
CA ALA A 197 9.40 24.80 -25.83
C ALA A 197 8.03 24.12 -25.79
N TYR A 198 7.70 23.36 -26.83
CA TYR A 198 6.38 22.71 -26.89
C TYR A 198 6.34 21.57 -27.89
N CYS A 199 5.39 20.63 -27.70
CA CYS A 199 5.10 19.57 -28.67
C CYS A 199 3.70 19.77 -29.26
N GLU A 200 3.51 19.31 -30.49
CA GLU A 200 2.18 19.29 -31.13
C GLU A 200 1.76 17.88 -31.57
N ILE A 201 0.49 17.54 -31.36
CA ILE A 201 -0.03 16.25 -31.77
C ILE A 201 -1.36 16.53 -32.37
N ASN A 202 -1.69 15.82 -33.44
CA ASN A 202 -2.98 16.02 -34.05
C ASN A 202 -4.06 15.45 -33.13
N GLY A 203 -4.91 16.39 -32.67
CA GLY A 203 -6.06 16.09 -31.86
C GLY A 203 -6.87 14.91 -32.34
N THR A 204 -7.08 14.83 -33.64
CA THR A 204 -8.03 13.89 -34.19
C THR A 204 -7.46 12.47 -34.17
N LYS A 205 -6.19 12.32 -34.54
CA LYS A 205 -5.54 10.99 -34.58
C LYS A 205 -5.36 10.45 -33.17
N TRP A 206 -4.72 11.26 -32.35
CA TRP A 206 -4.50 10.93 -30.97
C TRP A 206 -5.81 10.46 -30.34
N ASN A 207 -6.84 11.31 -30.42
CA ASN A 207 -8.07 11.05 -29.69
C ASN A 207 -8.75 9.81 -30.26
N LYS A 208 -8.71 9.63 -31.58
CA LYS A 208 -9.08 8.34 -32.19
C LYS A 208 -8.31 7.16 -31.53
N VAL A 209 -6.98 7.26 -31.50
CA VAL A 209 -6.14 6.16 -31.01
C VAL A 209 -6.37 5.90 -29.52
N LEU A 210 -6.47 6.95 -28.74
CA LEU A 210 -6.80 6.83 -27.34
C LEU A 210 -8.18 6.17 -27.06
N LYS A 211 -9.16 6.37 -27.95
CA LYS A 211 -10.47 5.76 -27.73
C LYS A 211 -10.40 4.24 -27.98
N GLN A 212 -9.55 3.84 -28.93
CA GLN A 212 -9.28 2.41 -29.17
C GLN A 212 -8.50 1.75 -28.00
N VAL A 213 -7.63 2.52 -27.35
CA VAL A 213 -6.85 2.03 -26.21
C VAL A 213 -7.84 1.69 -25.11
N THR A 214 -8.66 2.69 -24.82
CA THR A 214 -9.79 2.58 -23.92
C THR A 214 -10.73 1.43 -24.28
N GLU A 215 -11.12 1.27 -25.53
CA GLU A 215 -11.93 0.09 -25.88
C GLU A 215 -11.19 -1.19 -25.49
N LYS A 216 -9.89 -1.26 -25.75
CA LYS A 216 -9.11 -2.46 -25.43
C LYS A 216 -9.04 -2.67 -23.91
N LEU A 217 -8.84 -1.61 -23.13
CA LEU A 217 -8.78 -1.75 -21.68
C LEU A 217 -10.10 -2.28 -21.06
N LYS A 218 -11.27 -1.93 -21.64
CA LYS A 218 -12.54 -2.50 -21.20
C LYS A 218 -12.57 -4.01 -21.37
N GLU A 219 -12.00 -4.54 -22.44
CA GLU A 219 -12.01 -5.99 -22.64
C GLU A 219 -11.26 -6.68 -21.56
N HIS A 220 -10.22 -6.06 -21.07
CA HIS A 220 -9.39 -6.63 -20.02
C HIS A 220 -10.02 -6.45 -18.64
N PHE A 221 -10.72 -5.34 -18.45
CA PHE A 221 -11.30 -5.01 -17.18
C PHE A 221 -12.81 -5.00 -17.22
N ASN A 222 -13.40 -6.18 -17.33
CA ASN A 222 -14.84 -6.36 -17.21
C ASN A 222 -15.47 -5.45 -18.16
N ASN A 223 -16.53 -4.82 -17.77
CA ASN A 223 -16.96 -3.67 -18.47
C ASN A 223 -16.96 -2.69 -17.32
N LYS A 224 -15.80 -2.37 -16.96
CA LYS A 224 -15.52 -1.40 -15.94
C LYS A 224 -15.22 -0.13 -16.67
N THR A 225 -15.74 0.95 -16.16
CA THR A 225 -15.52 2.24 -16.83
C THR A 225 -14.09 2.76 -16.71
N ILE A 226 -13.46 3.08 -17.83
CA ILE A 226 -12.05 3.38 -17.91
C ILE A 226 -11.78 4.88 -17.93
N ILE A 227 -10.96 5.35 -16.99
CA ILE A 227 -10.60 6.79 -16.92
C ILE A 227 -9.06 6.99 -16.92
N PHE A 228 -8.61 8.08 -17.52
CA PHE A 228 -7.22 8.53 -17.35
C PHE A 228 -7.10 9.71 -16.44
N GLN A 229 -5.99 9.76 -15.68
CA GLN A 229 -5.69 10.92 -14.87
C GLN A 229 -4.23 11.22 -15.01
N PRO A 230 -3.83 12.46 -14.73
CA PRO A 230 -2.41 12.74 -14.68
C PRO A 230 -1.70 11.93 -13.55
N PRO A 231 -0.37 11.85 -13.60
CA PRO A 231 0.37 11.17 -12.55
C PRO A 231 0.07 11.73 -11.17
N SER A 232 0.10 10.88 -10.15
CA SER A 232 -0.20 11.37 -8.81
C SER A 232 0.99 12.00 -8.13
N GLY A 233 2.19 11.77 -8.65
CA GLY A 233 3.40 12.16 -7.94
C GLY A 233 4.61 11.56 -8.62
N GLY A 234 5.77 12.01 -8.19
CA GLY A 234 7.02 11.48 -8.69
C GLY A 234 7.93 12.61 -8.99
N ASP A 235 9.19 12.28 -9.21
CA ASP A 235 10.13 13.15 -9.93
C ASP A 235 9.61 13.61 -11.28
N LEU A 236 10.02 14.82 -11.65
CA LEU A 236 9.73 15.49 -12.97
C LEU A 236 9.88 14.62 -14.17
N GLU A 237 10.93 13.78 -14.16
CA GLU A 237 11.23 12.87 -15.28
C GLU A 237 10.05 11.98 -15.64
N ILE A 238 9.25 11.62 -14.64
CA ILE A 238 8.11 10.76 -14.86
C ILE A 238 6.77 11.46 -14.73
N THR A 239 6.66 12.53 -13.96
CA THR A 239 5.39 13.25 -13.94
C THR A 239 5.18 13.91 -15.31
N MET A 240 6.27 14.28 -15.99
CA MET A 240 6.24 14.73 -17.37
C MET A 240 6.75 13.72 -18.38
N HIS A 241 6.30 13.88 -19.62
CA HIS A 241 6.84 13.13 -20.77
C HIS A 241 8.20 13.71 -21.04
N SER A 242 9.20 12.85 -20.90
CA SER A 242 10.57 13.26 -20.80
C SER A 242 11.41 12.44 -21.79
N PHE A 243 12.33 13.11 -22.46
CA PHE A 243 13.04 12.56 -23.62
C PHE A 243 14.17 13.50 -24.01
N ASN A 244 15.07 13.00 -24.87
CA ASN A 244 16.20 13.78 -25.32
C ASN A 244 16.11 14.00 -26.82
N CYS A 245 16.13 15.28 -27.19
CA CYS A 245 16.21 15.68 -28.55
C CYS A 245 17.52 16.44 -28.76
N ARG A 246 18.35 15.91 -29.66
CA ARG A 246 19.57 16.58 -30.07
C ARG A 246 20.43 17.06 -28.90
N GLY A 247 20.53 16.16 -27.90
CA GLY A 247 21.28 16.40 -26.66
C GLY A 247 20.56 17.15 -25.56
N GLU A 248 19.45 17.82 -25.89
CA GLU A 248 18.72 18.66 -24.93
C GLU A 248 17.69 17.80 -24.26
N PHE A 249 17.56 17.96 -22.96
CA PHE A 249 16.59 17.18 -22.19
C PHE A 249 15.23 17.89 -22.11
N PHE A 250 14.23 17.41 -22.85
CA PHE A 250 12.88 18.02 -22.83
C PHE A 250 12.02 17.42 -21.74
N TYR A 251 11.22 18.27 -21.10
CA TYR A 251 10.23 17.86 -20.10
C TYR A 251 8.88 18.43 -20.54
N CYS A 252 7.92 17.57 -20.87
CA CYS A 252 6.63 18.02 -21.46
C CYS A 252 5.38 17.59 -20.68
N ASN A 253 4.55 18.56 -20.28
CA ASN A 253 3.29 18.32 -19.56
C ASN A 253 2.27 17.65 -20.45
N THR A 254 1.89 16.43 -20.09
CA THR A 254 0.93 15.66 -20.85
C THR A 254 -0.52 15.67 -20.32
N THR A 255 -0.91 16.64 -19.50
CA THR A 255 -2.30 16.71 -18.99
C THR A 255 -3.37 16.63 -20.13
N GLN A 256 -3.15 17.42 -21.19
CA GLN A 256 -4.03 17.47 -22.38
C GLN A 256 -4.03 16.28 -23.35
N LEU A 257 -3.08 15.36 -23.19
CA LEU A 257 -3.06 14.12 -24.00
C LEU A 257 -3.95 13.04 -23.38
N PHE A 258 -4.22 13.17 -22.09
CA PHE A 258 -4.97 12.19 -21.36
C PHE A 258 -6.22 12.91 -20.82
N ASN A 259 -7.11 13.17 -21.79
CA ASN A 259 -8.32 13.98 -21.63
C ASN A 259 -9.50 13.09 -22.05
N ASN A 260 -10.20 12.55 -21.04
CA ASN A 260 -11.37 11.71 -21.32
C ASN A 260 -12.72 12.49 -21.35
N THR A 261 -12.67 13.83 -21.49
CA THR A 261 -13.82 14.64 -22.01
C THR A 261 -13.90 14.55 -23.53
N CYS A 262 -12.74 14.68 -24.16
CA CYS A 262 -12.57 14.64 -25.59
C CYS A 262 -12.19 13.20 -25.99
N ILE A 263 -12.98 12.23 -25.51
CA ILE A 263 -12.75 10.77 -25.76
C ILE A 263 -12.61 10.41 -27.25
N MET A 268 -18.98 15.16 -27.24
CA MET A 268 -18.54 14.55 -28.51
C MET A 268 -17.05 14.85 -28.78
N LYS A 269 -16.62 16.12 -28.89
CA LYS A 269 -17.46 17.36 -29.00
C LYS A 269 -16.90 18.23 -30.16
N GLY A 270 -16.68 19.53 -29.99
CA GLY A 270 -15.99 20.35 -31.00
C GLY A 270 -14.59 20.68 -30.53
N CYS A 271 -13.90 19.70 -29.94
CA CYS A 271 -12.73 19.90 -29.04
C CYS A 271 -11.31 19.54 -29.55
N ASN A 272 -11.22 18.56 -30.44
CA ASN A 272 -9.95 17.91 -30.82
C ASN A 272 -8.78 18.86 -31.27
N GLY A 273 -8.98 19.64 -32.36
CA GLY A 273 -7.98 20.56 -32.99
C GLY A 273 -6.50 20.15 -32.98
N THR A 274 -5.59 21.12 -32.86
CA THR A 274 -4.19 20.80 -32.57
C THR A 274 -3.97 20.91 -31.05
N ILE A 275 -3.57 19.79 -30.45
CA ILE A 275 -3.17 19.80 -29.02
C ILE A 275 -1.69 20.14 -28.92
N THR A 276 -1.38 21.22 -28.20
CA THR A 276 0.01 21.60 -28.01
C THR A 276 0.36 21.49 -26.51
N LEU A 277 1.37 20.67 -26.19
CA LEU A 277 1.83 20.41 -24.79
C LEU A 277 2.85 21.46 -24.42
N PRO A 278 2.80 22.04 -23.21
CA PRO A 278 3.96 22.90 -22.89
C PRO A 278 5.18 22.08 -22.39
N CYS A 279 6.36 22.49 -22.83
CA CYS A 279 7.62 21.89 -22.42
C CYS A 279 8.55 22.93 -21.93
N LYS A 280 9.56 22.42 -21.24
CA LYS A 280 10.78 23.15 -21.12
C LYS A 280 12.00 22.27 -21.12
N ILE A 281 13.11 22.87 -21.48
CA ILE A 281 14.39 22.19 -21.60
C ILE A 281 15.00 22.41 -20.24
N LYS A 282 15.42 21.33 -19.60
CA LYS A 282 16.11 21.46 -18.31
C LYS A 282 17.57 21.12 -18.38
N GLN A 283 18.35 21.85 -17.60
CA GLN A 283 19.76 21.66 -17.43
C GLN A 283 20.06 20.73 -16.27
N ILE A 284 19.26 20.80 -15.21
CA ILE A 284 19.46 19.97 -14.00
C ILE A 284 18.49 18.84 -14.10
N ILE A 285 19.03 17.64 -14.26
CA ILE A 285 18.20 16.45 -14.31
C ILE A 285 18.63 15.42 -13.25
N ASN A 286 17.70 14.50 -12.96
CA ASN A 286 18.03 13.26 -12.17
C ASN A 286 18.59 12.23 -13.12
N MET A 287 19.67 11.58 -12.74
CA MET A 287 20.28 10.64 -13.64
C MET A 287 19.54 9.32 -13.62
N TRP A 288 19.17 8.82 -14.79
CA TRP A 288 18.51 7.52 -14.84
C TRP A 288 19.45 6.35 -14.63
N GLN A 289 20.76 6.56 -14.78
CA GLN A 289 21.70 5.45 -14.72
C GLN A 289 21.92 5.08 -13.26
N GLY A 290 22.40 6.06 -12.48
CA GLY A 290 22.79 5.89 -11.08
C GLY A 290 22.15 6.89 -10.14
N THR A 291 22.91 7.25 -9.10
CA THR A 291 22.39 8.00 -7.96
C THR A 291 21.80 9.36 -8.33
N GLY A 292 22.63 10.40 -8.36
CA GLY A 292 22.12 11.79 -8.24
C GLY A 292 21.86 12.65 -9.48
N GLN A 293 22.25 13.91 -9.37
CA GLN A 293 21.91 14.94 -10.35
C GLN A 293 23.08 15.23 -11.31
N ALA A 294 22.75 15.85 -12.43
CA ALA A 294 23.71 16.29 -13.43
C ALA A 294 23.25 17.59 -14.05
N MET A 295 24.06 18.62 -13.99
CA MET A 295 23.76 19.92 -14.63
C MET A 295 24.42 19.98 -16.04
N TYR A 296 23.61 20.31 -17.04
CA TYR A 296 24.07 20.47 -18.43
C TYR A 296 24.11 21.95 -18.88
N ALA A 297 24.87 22.21 -19.96
CA ALA A 297 24.95 23.55 -20.56
C ALA A 297 23.58 23.91 -21.13
N PRO A 298 23.33 25.22 -21.34
CA PRO A 298 22.00 25.64 -21.83
C PRO A 298 21.78 25.26 -23.29
N PRO A 299 20.56 25.47 -23.82
CA PRO A 299 20.32 24.94 -25.17
C PRO A 299 21.07 25.67 -26.26
N ILE A 300 21.40 24.92 -27.30
CA ILE A 300 22.04 25.49 -28.48
C ILE A 300 21.11 26.51 -29.13
N ASP A 301 21.67 27.38 -29.94
CA ASP A 301 20.84 28.36 -30.63
C ASP A 301 20.10 27.69 -31.76
N GLY A 302 18.99 28.29 -32.15
CA GLY A 302 18.27 27.91 -33.34
C GLY A 302 17.11 26.99 -33.06
N LYS A 303 16.46 26.58 -34.15
CA LYS A 303 15.35 25.64 -34.11
C LYS A 303 15.84 24.30 -33.52
N ILE A 304 15.32 23.92 -32.35
CA ILE A 304 15.59 22.59 -31.77
C ILE A 304 14.28 21.84 -31.98
N ASN A 305 14.35 20.78 -32.78
CA ASN A 305 13.18 20.09 -33.26
C ASN A 305 13.45 18.60 -33.40
N CYS A 306 12.41 17.80 -33.15
CA CYS A 306 12.39 16.42 -33.64
C CYS A 306 10.98 15.88 -33.61
N VAL A 307 10.68 15.12 -34.67
CA VAL A 307 9.36 14.63 -34.95
C VAL A 307 9.47 13.16 -34.66
N SER A 308 8.72 12.70 -33.67
CA SER A 308 8.84 11.33 -33.21
C SER A 308 7.50 10.62 -33.43
N ASN A 309 7.53 9.30 -33.57
CA ASN A 309 6.30 8.51 -33.61
C ASN A 309 5.94 7.91 -32.24
N ILE A 310 4.87 8.40 -31.62
CA ILE A 310 4.27 7.75 -30.47
C ILE A 310 3.83 6.38 -30.94
N THR A 311 4.42 5.39 -30.32
CA THR A 311 4.25 4.02 -30.72
C THR A 311 3.77 3.13 -29.60
N GLY A 312 3.94 3.58 -28.35
CA GLY A 312 3.39 2.93 -27.20
C GLY A 312 3.25 3.84 -26.01
N ILE A 313 2.54 3.34 -25.00
CA ILE A 313 2.20 4.12 -23.80
C ILE A 313 2.52 3.25 -22.58
N LEU A 314 3.19 3.86 -21.61
CA LEU A 314 3.44 3.29 -20.30
C LEU A 314 2.34 3.81 -19.35
N LEU A 315 1.64 2.89 -18.67
CA LEU A 315 0.61 3.27 -17.74
C LEU A 315 0.81 2.54 -16.39
N THR A 316 0.34 3.16 -15.31
CA THR A 316 0.04 2.42 -14.10
C THR A 316 -1.42 2.63 -13.71
N ARG A 317 -2.01 1.59 -13.15
CA ARG A 317 -3.42 1.56 -12.75
C ARG A 317 -3.51 1.69 -11.25
N ASP A 318 -4.36 2.58 -10.78
CA ASP A 318 -4.50 2.82 -9.33
C ASP A 318 -4.98 1.55 -8.62
N GLY A 319 -4.45 1.34 -7.42
CA GLY A 319 -4.92 0.32 -6.51
C GLY A 319 -6.05 0.84 -5.69
N GLY A 320 -6.62 -0.07 -4.91
CA GLY A 320 -7.68 0.26 -3.96
C GLY A 320 -9.04 0.43 -4.61
N ALA A 321 -9.24 -0.17 -5.77
CA ALA A 321 -10.42 0.10 -6.59
C ALA A 321 -11.31 -1.10 -6.91
N ASN A 322 -11.01 -2.30 -6.40
CA ASN A 322 -11.87 -3.47 -6.78
C ASN A 322 -13.29 -3.42 -6.25
N ASN A 323 -13.62 -2.64 -5.20
CA ASN A 323 -15.02 -2.52 -4.76
C ASN A 323 -15.78 -1.34 -5.43
N THR A 324 -15.41 -1.05 -6.66
CA THR A 324 -15.72 0.18 -7.31
C THR A 324 -15.95 -0.07 -8.79
N SER A 325 -16.61 0.90 -9.39
CA SER A 325 -17.14 0.77 -10.74
C SER A 325 -16.08 1.02 -11.81
N ASN A 326 -15.02 1.76 -11.45
CA ASN A 326 -13.97 2.28 -12.37
C ASN A 326 -12.53 1.67 -12.23
N GLU A 327 -11.80 1.78 -13.33
CA GLU A 327 -10.33 1.66 -13.32
C GLU A 327 -9.73 2.98 -13.84
N THR A 328 -8.70 3.45 -13.15
CA THR A 328 -8.04 4.69 -13.42
C THR A 328 -6.57 4.43 -13.88
N PHE A 329 -6.16 5.03 -14.99
CA PHE A 329 -4.85 4.78 -15.65
C PHE A 329 -4.03 6.07 -15.78
N ARG A 330 -2.80 6.09 -15.28
CA ARG A 330 -2.04 7.31 -15.20
C ARG A 330 -0.77 7.00 -15.96
N PRO A 331 -0.26 7.96 -16.77
CA PRO A 331 0.94 7.66 -17.53
C PRO A 331 2.15 7.55 -16.64
N GLY A 332 3.03 6.60 -16.92
CA GLY A 332 4.18 6.36 -16.08
C GLY A 332 5.48 5.99 -16.79
N GLY A 333 6.12 4.96 -16.24
CA GLY A 333 7.50 4.55 -16.62
C GLY A 333 8.60 5.14 -15.75
N GLY A 334 9.81 5.21 -16.33
CA GLY A 334 11.00 5.68 -15.64
C GLY A 334 11.88 4.52 -15.25
N ASN A 335 11.28 3.31 -15.33
CA ASN A 335 12.03 2.07 -15.46
C ASN A 335 12.23 1.84 -16.94
N ILE A 336 13.44 2.17 -17.30
CA ILE A 336 13.89 2.21 -18.69
C ILE A 336 13.93 0.79 -19.26
N LYS A 337 14.19 -0.20 -18.42
CA LYS A 337 14.16 -1.57 -18.85
C LYS A 337 12.84 -1.88 -19.57
N ASP A 338 11.73 -1.29 -19.10
CA ASP A 338 10.46 -1.53 -19.76
C ASP A 338 10.46 -0.96 -21.16
N ASN A 339 11.20 0.11 -21.42
CA ASN A 339 11.33 0.60 -22.81
C ASN A 339 11.95 -0.48 -23.70
N TRP A 340 12.96 -1.20 -23.23
CA TRP A 340 13.58 -2.27 -23.98
C TRP A 340 12.62 -3.44 -24.17
N ARG A 341 11.91 -3.85 -23.13
CA ARG A 341 10.86 -4.89 -23.19
C ARG A 341 9.83 -4.68 -24.30
N SER A 342 9.38 -3.43 -24.48
CA SER A 342 8.40 -3.13 -25.53
C SER A 342 8.86 -3.49 -26.92
N GLU A 343 10.16 -3.57 -27.17
CA GLU A 343 10.71 -4.07 -28.44
C GLU A 343 11.24 -5.50 -28.36
N LEU A 344 11.77 -5.91 -27.21
CA LEU A 344 12.36 -7.25 -27.07
C LEU A 344 11.38 -8.38 -26.75
N TYR A 345 10.14 -8.04 -26.38
CA TYR A 345 9.09 -9.00 -25.97
C TYR A 345 8.91 -10.27 -26.80
N LYS A 346 9.09 -10.12 -28.13
CA LYS A 346 9.00 -11.24 -29.06
C LYS A 346 10.31 -11.92 -29.33
N TYR A 347 11.24 -11.87 -28.37
CA TYR A 347 12.46 -12.59 -28.51
C TYR A 347 12.82 -13.30 -27.23
N LYS A 348 13.64 -14.32 -27.38
CA LYS A 348 14.13 -15.08 -26.23
C LYS A 348 15.30 -15.94 -26.72
N VAL A 349 16.38 -15.98 -25.93
CA VAL A 349 17.57 -16.77 -26.21
C VAL A 349 17.34 -18.23 -25.75
N VAL A 350 17.88 -19.19 -26.51
CA VAL A 350 18.00 -20.58 -26.07
C VAL A 350 19.42 -21.10 -26.28
N GLN A 351 19.77 -22.13 -25.52
CA GLN A 351 21.02 -22.89 -25.71
C GLN A 351 20.70 -24.17 -26.46
N ILE A 352 21.64 -24.64 -27.29
CA ILE A 352 21.48 -25.91 -28.02
C ILE A 352 22.25 -27.06 -27.31
N GLU A 353 21.53 -28.18 -27.09
CA GLU A 353 22.02 -29.41 -26.41
C GLU A 353 22.26 -29.18 -24.92
N GLN B 1 21.13 -6.54 9.15
CA GLN B 1 19.94 -5.88 9.77
C GLN B 1 19.20 -5.00 8.73
N ILE B 2 18.35 -5.66 7.94
CA ILE B 2 17.36 -5.02 7.15
C ILE B 2 16.28 -4.48 8.06
N GLU B 3 16.10 -3.16 8.05
CA GLU B 3 15.10 -2.55 8.90
C GLU B 3 14.55 -1.23 8.44
N LEU B 4 13.41 -0.92 9.05
CA LEU B 4 12.66 0.25 8.78
C LEU B 4 12.36 0.86 10.13
N VAL B 5 12.67 2.14 10.30
CA VAL B 5 12.44 2.87 11.55
C VAL B 5 11.62 4.11 11.29
N GLN B 6 10.48 4.19 11.95
CA GLN B 6 9.55 5.28 11.77
C GLN B 6 9.75 6.36 12.83
N SER B 7 9.20 7.53 12.55
CA SER B 7 9.23 8.67 13.46
C SER B 7 8.20 8.32 14.53
N GLY B 8 8.12 9.15 15.57
CA GLY B 8 7.32 8.88 16.75
C GLY B 8 5.90 9.38 16.72
N THR B 9 5.27 9.25 17.86
CA THR B 9 3.86 9.55 18.11
C THR B 9 3.47 11.00 17.83
N GLU B 10 2.28 11.13 17.23
CA GLU B 10 1.75 12.39 16.73
C GLU B 10 0.35 12.61 17.33
N VAL B 11 0.08 13.85 17.70
CA VAL B 11 -1.24 14.24 18.16
C VAL B 11 -1.50 15.42 17.27
N LYS B 12 -2.53 15.36 16.45
CA LYS B 12 -2.83 16.44 15.51
C LYS B 12 -4.25 16.96 15.65
N ARG B 13 -4.44 18.25 15.41
CA ARG B 13 -5.79 18.78 15.42
C ARG B 13 -6.59 18.33 14.18
N PRO B 14 -7.91 18.24 14.32
CA PRO B 14 -8.76 17.97 13.18
C PRO B 14 -8.58 19.05 12.15
N GLY B 15 -8.25 18.64 10.94
CA GLY B 15 -7.94 19.59 9.85
C GLY B 15 -6.46 19.59 9.45
N ALA B 16 -5.57 19.41 10.42
CA ALA B 16 -4.12 19.42 10.19
C ALA B 16 -3.58 18.27 9.25
N SER B 17 -2.31 18.36 8.90
CA SER B 17 -1.57 17.28 8.24
C SER B 17 -0.56 16.64 9.20
N VAL B 18 -0.29 15.35 9.01
CA VAL B 18 0.86 14.69 9.65
C VAL B 18 1.92 14.34 8.63
N ARG B 19 3.18 14.51 8.99
CA ARG B 19 4.27 13.95 8.27
C ARG B 19 4.95 12.79 9.04
N ILE B 20 4.82 11.57 8.54
CA ILE B 20 5.53 10.42 9.11
C ILE B 20 6.74 10.03 8.22
N SER B 21 7.89 9.87 8.87
CA SER B 21 9.12 9.35 8.24
C SER B 21 9.25 7.83 8.39
N CYS B 22 10.13 7.25 7.56
CA CYS B 22 10.41 5.85 7.56
C CYS B 22 11.81 5.64 7.01
N ALA B 23 12.76 5.42 7.93
CA ALA B 23 14.17 5.34 7.60
C ALA B 23 14.58 3.90 7.26
N SER B 24 15.21 3.72 6.10
CA SER B 24 15.73 2.41 5.66
C SER B 24 17.23 2.25 5.97
N SER B 25 17.59 1.04 6.41
CA SER B 25 18.96 0.52 6.44
C SER B 25 19.01 -0.98 6.16
N GLY B 26 20.18 -1.46 5.76
CA GLY B 26 20.43 -2.87 5.52
C GLY B 26 20.09 -3.45 4.16
N TYR B 27 19.75 -2.60 3.19
CA TYR B 27 19.47 -3.09 1.85
C TYR B 27 19.63 -1.99 0.75
N ARG B 28 19.57 -2.37 -0.51
CA ARG B 28 19.69 -1.38 -1.58
C ARG B 28 18.36 -0.61 -1.70
N PHE B 29 18.33 0.57 -1.07
CA PHE B 29 17.14 1.39 -0.98
C PHE B 29 16.29 1.48 -2.24
N THR B 30 16.91 1.67 -3.40
CA THR B 30 16.11 1.91 -4.64
C THR B 30 15.54 0.66 -5.29
N ASN B 31 15.93 -0.50 -4.81
CA ASN B 31 15.48 -1.75 -5.39
C ASN B 31 14.10 -2.27 -4.91
N TYR B 32 13.46 -1.66 -3.89
CA TYR B 32 12.23 -2.15 -3.26
C TYR B 32 11.23 -1.05 -3.06
N PHE B 33 9.97 -1.33 -3.38
CA PHE B 33 8.88 -0.39 -3.14
C PHE B 33 8.63 -0.26 -1.64
N ILE B 34 8.16 0.92 -1.23
CA ILE B 34 7.66 1.14 0.12
C ILE B 34 6.15 1.21 0.07
N HIS B 35 5.48 0.43 0.94
CA HIS B 35 4.04 0.54 1.10
C HIS B 35 3.74 1.17 2.42
N TRP B 36 2.64 1.91 2.48
CA TRP B 36 2.12 2.40 3.72
C TRP B 36 0.80 1.70 4.01
N VAL B 37 0.59 1.33 5.27
CA VAL B 37 -0.53 0.50 5.67
C VAL B 37 -0.97 0.96 7.07
N ARG B 38 -2.28 1.22 7.27
CA ARG B 38 -2.79 1.68 8.55
C ARG B 38 -3.69 0.66 9.24
N GLN B 39 -3.74 0.79 10.57
CA GLN B 39 -4.46 -0.11 11.56
C GLN B 39 -5.23 0.85 12.45
N ALA B 40 -6.50 1.01 12.13
CA ALA B 40 -7.36 1.97 12.78
C ALA B 40 -8.21 1.20 13.71
N PRO B 41 -8.27 1.62 14.98
CA PRO B 41 -8.95 0.65 15.86
C PRO B 41 -10.44 0.53 15.42
N GLY B 42 -10.72 -0.45 14.53
CA GLY B 42 -11.97 -0.55 13.75
C GLY B 42 -11.90 -1.42 12.49
N ARG B 43 -10.79 -1.31 11.72
CA ARG B 43 -10.80 -1.78 10.29
C ARG B 43 -9.56 -2.60 9.80
N GLY B 44 -9.05 -3.49 10.67
CA GLY B 44 -7.93 -4.38 10.33
C GLY B 44 -6.70 -3.64 9.79
N LEU B 45 -6.18 -4.07 8.64
CA LEU B 45 -5.13 -3.35 7.91
C LEU B 45 -5.65 -2.87 6.58
N GLU B 46 -5.39 -1.61 6.30
CA GLU B 46 -5.73 -1.00 5.05
C GLU B 46 -4.47 -0.45 4.40
N TRP B 47 -4.24 -0.89 3.17
CA TRP B 47 -3.18 -0.36 2.30
C TRP B 47 -3.56 1.06 1.91
N MET B 48 -2.59 1.99 2.05
CA MET B 48 -2.80 3.40 1.66
C MET B 48 -2.22 3.68 0.28
N GLY B 49 -1.18 2.96 -0.11
CA GLY B 49 -0.57 3.17 -1.42
C GLY B 49 0.86 2.66 -1.46
N TRP B 50 1.45 2.65 -2.66
CA TRP B 50 2.89 2.37 -2.81
C TRP B 50 3.71 3.51 -3.39
N MET B 51 5.00 3.50 -3.11
CA MET B 51 5.96 4.45 -3.65
C MET B 51 7.20 3.64 -4.14
N ASN B 52 7.61 3.89 -5.38
CA ASN B 52 8.85 3.36 -5.97
C ASN B 52 9.98 4.37 -5.72
N PRO B 53 10.97 4.01 -4.86
CA PRO B 53 12.03 4.98 -4.57
C PRO B 53 12.95 5.30 -5.76
N LEU B 54 13.13 4.39 -6.72
CA LEU B 54 13.93 4.67 -7.92
C LEU B 54 13.66 6.09 -8.41
N HIS B 55 12.39 6.40 -8.68
CA HIS B 55 12.00 7.66 -9.28
C HIS B 55 10.84 8.40 -8.61
N GLY B 56 10.38 7.90 -7.46
CA GLY B 56 9.30 8.58 -6.72
C GLY B 56 7.86 8.34 -7.17
N GLY B 57 7.67 7.34 -8.03
CA GLY B 57 6.36 7.02 -8.60
C GLY B 57 5.50 6.45 -7.49
N VAL B 58 4.22 6.70 -7.59
CA VAL B 58 3.33 6.39 -6.51
C VAL B 58 2.07 5.80 -7.11
N ASN B 59 1.38 5.09 -6.27
CA ASN B 59 0.08 4.56 -6.58
C ASN B 59 -0.71 4.65 -5.29
N TYR B 60 -1.66 5.58 -5.25
CA TYR B 60 -2.43 5.83 -4.03
C TYR B 60 -3.80 5.18 -4.11
N SER B 61 -4.31 4.76 -2.96
CA SER B 61 -5.67 4.28 -2.84
C SER B 61 -6.66 5.42 -3.04
N GLY B 62 -7.59 5.21 -3.95
CA GLY B 62 -8.76 6.06 -4.10
C GLY B 62 -9.46 6.32 -2.79
N ARG B 63 -9.63 5.30 -1.94
CA ARG B 63 -10.28 5.47 -0.62
C ARG B 63 -9.78 6.70 0.17
N PHE B 64 -8.56 7.17 -0.11
CA PHE B 64 -7.97 8.28 0.62
C PHE B 64 -7.91 9.55 -0.16
N GLN B 65 -8.03 9.40 -1.47
CA GLN B 65 -7.05 9.99 -2.37
C GLN B 65 -7.36 11.48 -2.54
N GLY B 66 -6.33 12.15 -3.03
CA GLY B 66 -6.17 13.53 -2.72
C GLY B 66 -5.32 13.59 -1.48
N ARG B 67 -5.67 12.91 -0.39
CA ARG B 67 -5.16 13.31 0.92
C ARG B 67 -3.75 12.82 1.31
N VAL B 68 -3.24 11.82 0.58
CA VAL B 68 -1.95 11.19 0.90
C VAL B 68 -0.91 11.55 -0.15
N THR B 69 0.23 12.04 0.29
CA THR B 69 1.35 12.25 -0.57
C THR B 69 2.55 11.45 -0.01
N MET B 70 3.23 10.70 -0.86
CA MET B 70 4.37 9.84 -0.51
C MET B 70 5.63 10.30 -1.29
N THR B 71 6.71 10.64 -0.57
CA THR B 71 7.95 11.10 -1.19
C THR B 71 9.11 10.45 -0.47
N ARG B 72 10.29 10.51 -1.08
CA ARG B 72 11.51 9.92 -0.52
C ARG B 72 12.71 10.79 -0.81
N ASP B 73 13.74 10.62 0.00
CA ASP B 73 15.04 11.24 -0.18
C ASP B 73 16.09 10.11 -0.36
N ILE B 74 16.64 9.97 -1.57
CA ILE B 74 17.55 8.86 -1.89
C ILE B 74 18.87 8.91 -1.13
N TYR B 75 19.21 10.05 -0.56
CA TYR B 75 20.57 10.29 -0.03
C TYR B 75 20.60 9.90 1.45
N THR B 76 19.47 10.10 2.12
CA THR B 76 19.24 9.69 3.49
C THR B 76 18.48 8.35 3.63
N GLU B 77 18.00 7.79 2.51
CA GLU B 77 17.29 6.52 2.43
C GLU B 77 16.09 6.52 3.35
N THR B 78 15.35 7.62 3.21
CA THR B 78 14.19 7.91 4.07
C THR B 78 12.95 8.21 3.20
N SER B 79 11.84 7.58 3.55
CA SER B 79 10.55 7.77 2.86
C SER B 79 9.60 8.54 3.77
N PHE B 80 8.65 9.25 3.17
CA PHE B 80 7.78 10.17 3.89
C PHE B 80 6.37 9.96 3.44
N MET B 81 5.44 10.11 4.37
CA MET B 81 4.02 9.96 4.10
C MET B 81 3.30 11.11 4.76
N VAL B 82 2.69 11.98 3.96
CA VAL B 82 1.89 13.06 4.51
C VAL B 82 0.42 12.75 4.31
N LEU B 83 -0.34 12.69 5.42
CA LEU B 83 -1.79 12.55 5.34
C LEU B 83 -2.39 13.89 5.75
N SER B 84 -3.21 14.48 4.86
CA SER B 84 -3.78 15.85 5.02
C SER B 84 -5.28 15.92 5.42
N GLY B 85 -5.76 17.10 5.83
CA GLY B 85 -7.14 17.25 6.23
C GLY B 85 -7.56 16.14 7.19
N LEU B 86 -6.78 15.91 8.24
CA LEU B 86 -7.07 14.82 9.17
C LEU B 86 -8.47 14.90 9.83
N ARG B 87 -9.03 13.73 10.11
CA ARG B 87 -10.31 13.56 10.84
C ARG B 87 -10.10 12.54 11.95
N SER B 88 -11.10 12.41 12.86
CA SER B 88 -11.02 11.43 14.00
C SER B 88 -10.80 10.02 13.50
N ASP B 89 -11.63 9.63 12.55
CA ASP B 89 -11.39 8.65 11.52
C ASP B 89 -9.98 8.15 11.16
N ASP B 90 -9.00 9.07 11.20
CA ASP B 90 -7.61 8.81 10.78
C ASP B 90 -6.73 8.48 11.98
N SER B 91 -7.32 8.47 13.18
CA SER B 91 -6.63 8.04 14.38
C SER B 91 -6.40 6.58 14.17
N ALA B 92 -5.14 6.18 14.26
CA ALA B 92 -4.72 4.86 13.88
C ALA B 92 -3.24 4.67 14.12
N ILE B 93 -2.77 3.45 13.94
CA ILE B 93 -1.35 3.23 13.80
C ILE B 93 -0.97 3.09 12.31
N TYR B 94 0.09 3.80 11.89
CA TYR B 94 0.54 3.89 10.51
C TYR B 94 1.85 3.13 10.38
N PHE B 95 1.89 2.21 9.39
CA PHE B 95 3.06 1.41 9.09
C PHE B 95 3.64 1.63 7.67
N CYS B 96 4.94 1.90 7.55
CA CYS B 96 5.69 1.58 6.35
C CYS B 96 6.13 0.13 6.22
N THR B 97 6.27 -0.35 5.00
CA THR B 97 6.77 -1.72 4.77
C THR B 97 7.46 -1.87 3.42
N ARG B 98 8.40 -2.80 3.34
CA ARG B 98 9.14 -3.07 2.16
C ARG B 98 8.43 -4.13 1.35
N GLY B 99 7.99 -3.74 0.18
CA GLY B 99 7.46 -4.67 -0.78
C GLY B 99 8.66 -5.31 -1.40
N ARG B 100 8.88 -6.59 -1.14
CA ARG B 100 9.81 -7.41 -1.91
C ARG B 100 9.18 -7.74 -3.24
N ASP B 101 9.58 -6.99 -4.24
CA ASP B 101 9.13 -7.10 -5.60
C ASP B 101 7.64 -6.96 -5.97
N GLY B 102 6.95 -5.84 -5.84
CA GLY B 102 6.68 -5.09 -4.65
C GLY B 102 5.43 -5.68 -3.93
N TYR B 103 4.66 -6.63 -4.51
CA TYR B 103 3.84 -7.56 -3.68
C TYR B 103 4.32 -9.01 -3.69
N ASP B 104 5.14 -9.39 -4.64
CA ASP B 104 5.27 -10.79 -4.96
C ASP B 104 5.82 -11.64 -3.84
N ASP B 105 6.84 -11.11 -3.15
CA ASP B 105 7.46 -11.82 -2.00
C ASP B 105 7.20 -11.11 -0.64
N GLY B 106 6.49 -9.99 -0.68
CA GLY B 106 6.69 -8.84 0.32
C GLY B 106 5.54 -9.17 1.17
N PHE B 107 5.20 -8.45 2.23
CA PHE B 107 5.84 -7.27 2.79
C PHE B 107 6.73 -7.59 4.00
N HIS B 108 8.01 -7.21 3.89
CA HIS B 108 9.00 -7.51 4.92
C HIS B 108 10.25 -6.68 4.72
N PRO B 109 10.77 -6.05 5.78
CA PRO B 109 10.13 -5.99 7.08
C PRO B 109 9.13 -4.86 7.11
N TRP B 110 8.60 -4.61 8.28
CA TRP B 110 7.77 -3.51 8.58
C TRP B 110 8.42 -2.57 9.57
N GLY B 111 7.98 -1.32 9.52
CA GLY B 111 8.34 -0.40 10.58
C GLY B 111 7.63 -0.77 11.89
N GLN B 112 8.13 -0.25 12.98
CA GLN B 112 7.52 -0.46 14.29
C GLN B 112 6.12 0.16 14.41
N GLY B 113 5.72 1.00 13.46
CA GLY B 113 4.46 1.70 13.58
C GLY B 113 4.58 3.08 14.21
N THR B 114 3.59 3.94 13.91
CA THR B 114 3.51 5.33 14.36
C THR B 114 2.05 5.62 14.71
N LEU B 115 1.80 5.97 15.96
CA LEU B 115 0.44 6.28 16.44
C LEU B 115 0.17 7.72 16.08
N VAL B 116 -0.99 7.93 15.50
CA VAL B 116 -1.45 9.26 15.19
C VAL B 116 -2.81 9.32 15.83
N THR B 117 -3.03 10.32 16.65
CA THR B 117 -4.36 10.58 17.22
C THR B 117 -4.87 11.95 16.83
N VAL B 118 -6.09 12.02 16.33
CA VAL B 118 -6.62 13.27 15.84
C VAL B 118 -7.60 13.83 16.86
N THR B 119 -7.17 14.86 17.59
CA THR B 119 -7.93 15.48 18.66
C THR B 119 -7.72 16.97 18.78
N ALA B 120 -8.81 17.64 19.12
CA ALA B 120 -8.78 18.97 19.69
C ALA B 120 -8.02 19.03 21.02
N ALA B 121 -8.03 17.93 21.78
CA ALA B 121 -7.51 17.90 23.17
C ALA B 121 -6.01 18.10 23.38
N SER B 122 -5.73 18.65 24.54
CA SER B 122 -4.38 18.83 25.06
C SER B 122 -4.31 18.07 26.38
N THR B 123 -3.11 17.96 26.90
CA THR B 123 -2.84 17.13 28.06
C THR B 123 -3.81 17.45 29.26
N LYS B 124 -4.38 16.40 29.84
CA LYS B 124 -5.42 16.53 30.87
C LYS B 124 -5.57 15.31 31.77
N GLY B 125 -5.54 15.52 33.09
CA GLY B 125 -5.79 14.40 34.01
C GLY B 125 -7.24 13.95 34.04
N PRO B 126 -7.50 12.70 34.43
CA PRO B 126 -8.85 12.11 34.52
C PRO B 126 -9.63 12.50 35.75
N SER B 127 -10.96 12.58 35.61
CA SER B 127 -11.90 12.53 36.75
C SER B 127 -12.18 11.06 37.04
N VAL B 128 -12.40 10.76 38.29
CA VAL B 128 -12.63 9.40 38.73
C VAL B 128 -13.96 9.30 39.52
N PHE B 129 -14.93 8.54 38.99
CA PHE B 129 -16.24 8.43 39.56
C PHE B 129 -16.47 7.00 40.01
N PRO B 130 -17.14 6.81 41.18
CA PRO B 130 -17.34 5.48 41.70
C PRO B 130 -18.45 4.79 40.95
N LEU B 131 -18.24 3.53 40.61
CA LEU B 131 -19.27 2.65 40.15
C LEU B 131 -19.62 1.83 41.41
N ALA B 132 -20.72 2.24 42.05
CA ALA B 132 -21.09 1.78 43.35
C ALA B 132 -21.71 0.41 43.23
N PRO B 133 -21.40 -0.51 44.17
CA PRO B 133 -22.02 -1.82 44.13
C PRO B 133 -23.47 -1.70 44.42
N SER B 134 -24.27 -2.50 43.73
CA SER B 134 -25.73 -2.40 43.84
C SER B 134 -26.22 -2.80 45.24
N SER B 135 -27.26 -2.13 45.71
CA SER B 135 -27.94 -2.49 46.98
C SER B 135 -28.90 -3.68 46.77
N LYS B 136 -29.44 -3.79 45.55
CA LYS B 136 -30.22 -4.96 45.16
C LYS B 136 -29.22 -6.08 45.05
N SER B 137 -29.21 -6.94 46.08
CA SER B 137 -28.56 -8.26 45.99
C SER B 137 -27.00 -8.34 45.78
N THR B 138 -26.41 -9.48 46.18
CA THR B 138 -27.12 -10.68 46.77
C THR B 138 -26.99 -10.68 48.32
N SER B 139 -27.03 -11.84 48.99
CA SER B 139 -26.73 -11.92 50.45
C SER B 139 -25.32 -12.51 50.72
N GLY B 140 -25.13 -13.76 50.23
CA GLY B 140 -23.85 -14.46 50.26
C GLY B 140 -23.49 -14.87 48.83
N GLY B 141 -23.37 -13.89 47.93
CA GLY B 141 -22.96 -14.13 46.54
C GLY B 141 -21.96 -13.09 46.11
N THR B 142 -22.08 -12.60 44.88
CA THR B 142 -21.06 -11.74 44.29
C THR B 142 -21.64 -10.38 43.89
N ALA B 143 -20.93 -9.34 44.34
CA ALA B 143 -21.20 -7.97 44.00
C ALA B 143 -20.07 -7.43 43.09
N ALA B 144 -20.48 -6.67 42.08
CA ALA B 144 -19.56 -5.95 41.23
C ALA B 144 -19.43 -4.50 41.66
N LEU B 145 -18.24 -3.96 41.54
CA LEU B 145 -18.05 -2.52 41.72
C LEU B 145 -16.85 -2.00 40.92
N GLY B 146 -16.64 -0.70 40.93
CA GLY B 146 -15.63 -0.13 40.03
C GLY B 146 -15.43 1.37 40.08
N CYS B 147 -14.53 1.83 39.21
CA CYS B 147 -14.21 3.27 38.99
C CYS B 147 -14.34 3.58 37.51
N LEU B 148 -15.09 4.63 37.23
CA LEU B 148 -15.08 5.22 35.90
C LEU B 148 -14.00 6.32 35.85
N VAL B 149 -13.00 6.10 34.99
CA VAL B 149 -11.81 6.95 34.83
C VAL B 149 -12.00 7.76 33.54
N LYS B 150 -12.54 8.97 33.67
CA LYS B 150 -13.16 9.67 32.57
C LYS B 150 -12.45 10.95 32.14
N ASP B 151 -12.43 11.23 30.84
CA ASP B 151 -12.04 12.54 30.25
C ASP B 151 -10.59 12.92 30.49
N TYR B 152 -9.68 12.00 30.16
CA TYR B 152 -8.21 12.28 30.23
C TYR B 152 -7.56 12.21 28.84
N PHE B 153 -6.35 12.79 28.71
CA PHE B 153 -5.49 12.66 27.53
C PHE B 153 -4.03 12.99 27.89
N PRO B 154 -3.01 12.35 27.31
CA PRO B 154 -3.06 11.21 26.41
C PRO B 154 -3.08 9.94 27.19
N GLU B 155 -2.96 8.78 26.53
CA GLU B 155 -2.71 7.53 27.23
C GLU B 155 -1.31 7.60 27.78
N PRO B 156 -0.95 6.83 28.86
CA PRO B 156 -1.84 5.90 29.55
C PRO B 156 -2.25 6.30 30.98
N VAL B 157 -3.23 5.56 31.46
CA VAL B 157 -3.70 5.61 32.81
C VAL B 157 -3.42 4.22 33.39
N THR B 158 -3.01 4.15 34.65
CA THR B 158 -2.99 2.88 35.34
C THR B 158 -4.04 2.89 36.46
N VAL B 159 -4.64 1.72 36.74
CA VAL B 159 -5.58 1.57 37.87
C VAL B 159 -5.13 0.38 38.66
N SER B 160 -4.98 0.50 39.97
CA SER B 160 -4.85 -0.65 40.83
C SER B 160 -5.92 -0.49 41.91
N TRP B 161 -6.15 -1.54 42.67
CA TRP B 161 -7.14 -1.55 43.72
C TRP B 161 -6.44 -1.82 45.05
N ASN B 162 -6.90 -1.12 46.09
CA ASN B 162 -6.35 -1.21 47.47
C ASN B 162 -4.80 -1.28 47.51
N SER B 163 -4.19 -0.38 46.74
CA SER B 163 -2.73 -0.15 46.70
C SER B 163 -1.97 -1.39 46.27
N GLY B 164 -2.52 -2.13 45.32
CA GLY B 164 -1.94 -3.40 44.84
C GLY B 164 -2.42 -4.70 45.49
N ALA B 165 -2.97 -4.65 46.69
CA ALA B 165 -3.44 -5.85 47.39
C ALA B 165 -4.64 -6.59 46.78
N LEU B 166 -5.36 -5.97 45.84
CA LEU B 166 -6.60 -6.56 45.31
C LEU B 166 -6.45 -6.68 43.80
N THR B 167 -6.18 -7.90 43.34
CA THR B 167 -5.87 -8.21 41.93
C THR B 167 -6.81 -9.26 41.31
N SER B 168 -7.46 -10.03 42.19
CA SER B 168 -8.35 -11.10 41.83
C SER B 168 -9.69 -10.48 41.45
N GLY B 169 -10.19 -10.87 40.30
CA GLY B 169 -11.44 -10.37 39.80
C GLY B 169 -11.38 -8.99 39.19
N VAL B 170 -10.18 -8.39 39.07
CA VAL B 170 -10.10 -7.06 38.50
C VAL B 170 -10.07 -7.16 36.97
N HIS B 171 -10.85 -6.28 36.37
CA HIS B 171 -10.88 -6.10 34.92
C HIS B 171 -10.83 -4.62 34.67
N THR B 172 -9.70 -4.18 34.15
CA THR B 172 -9.50 -2.80 33.78
C THR B 172 -9.57 -2.75 32.24
N PHE B 173 -10.60 -2.12 31.72
CA PHE B 173 -10.83 -2.06 30.27
C PHE B 173 -9.84 -1.26 29.47
N PRO B 174 -9.72 -1.62 28.18
CA PRO B 174 -9.01 -0.65 27.31
C PRO B 174 -9.72 0.71 27.16
N ALA B 175 -8.89 1.75 27.12
CA ALA B 175 -9.37 3.10 26.81
C ALA B 175 -9.95 3.11 25.39
N VAL B 176 -11.06 3.84 25.24
CA VAL B 176 -11.57 4.20 23.95
C VAL B 176 -11.62 5.74 23.88
N LEU B 177 -11.32 6.26 22.69
CA LEU B 177 -11.36 7.68 22.47
C LEU B 177 -12.83 8.03 22.30
N GLN B 178 -13.27 9.08 22.97
CA GLN B 178 -14.67 9.46 22.99
C GLN B 178 -14.92 10.39 21.85
N SER B 179 -16.16 10.79 21.71
CA SER B 179 -16.53 11.70 20.64
C SER B 179 -15.72 13.00 20.80
N SER B 180 -15.64 13.45 22.07
CA SER B 180 -14.93 14.68 22.49
C SER B 180 -13.41 14.67 22.34
N GLY B 181 -12.84 13.56 21.95
CA GLY B 181 -11.39 13.50 21.80
C GLY B 181 -10.62 13.22 23.08
N LEU B 182 -11.32 12.82 24.14
CA LEU B 182 -10.67 12.49 25.40
C LEU B 182 -10.87 11.00 25.64
N TYR B 183 -9.83 10.31 26.12
CA TYR B 183 -9.97 8.91 26.48
C TYR B 183 -10.90 8.68 27.71
N SER B 184 -11.41 7.47 27.83
CA SER B 184 -12.27 7.08 28.93
C SER B 184 -12.25 5.58 29.15
N LEU B 185 -12.36 5.15 30.40
CA LEU B 185 -12.41 3.71 30.72
C LEU B 185 -12.87 3.43 32.10
N SER B 186 -13.16 2.18 32.38
CA SER B 186 -13.59 1.76 33.73
C SER B 186 -12.70 0.65 34.20
N SER B 187 -12.38 0.64 35.50
CA SER B 187 -11.86 -0.56 36.13
C SER B 187 -12.93 -1.12 37.05
N VAL B 188 -13.18 -2.43 36.96
CA VAL B 188 -14.18 -3.05 37.82
C VAL B 188 -13.61 -4.23 38.56
N VAL B 189 -14.33 -4.61 39.61
CA VAL B 189 -13.97 -5.77 40.39
C VAL B 189 -15.20 -6.42 41.06
N THR B 190 -15.16 -7.76 41.16
CA THR B 190 -16.18 -8.54 41.84
C THR B 190 -15.63 -8.91 43.18
N VAL B 191 -16.46 -8.70 44.20
CA VAL B 191 -16.12 -9.08 45.54
C VAL B 191 -17.32 -9.79 46.18
N PRO B 192 -17.06 -10.56 47.24
CA PRO B 192 -18.16 -11.09 48.02
C PRO B 192 -19.11 -10.00 48.53
N SER B 193 -20.40 -10.21 48.38
CA SER B 193 -21.39 -9.29 48.92
C SER B 193 -21.31 -9.17 50.42
N SER B 194 -20.83 -10.18 51.14
CA SER B 194 -20.67 -10.11 52.62
C SER B 194 -19.49 -9.25 53.11
N SER B 195 -18.68 -8.83 52.14
CA SER B 195 -17.56 -7.93 52.28
C SER B 195 -17.97 -6.41 52.34
N LEU B 196 -19.13 -6.05 51.83
CA LEU B 196 -19.40 -4.66 51.46
C LEU B 196 -19.53 -3.64 52.58
N GLY B 197 -19.91 -4.08 53.78
CA GLY B 197 -20.07 -3.19 54.94
C GLY B 197 -18.87 -3.16 55.85
N THR B 198 -17.93 -4.10 55.64
CA THR B 198 -16.69 -4.24 56.42
C THR B 198 -15.44 -3.81 55.63
N GLN B 199 -15.18 -4.36 54.44
CA GLN B 199 -13.94 -4.06 53.69
C GLN B 199 -14.13 -2.83 52.84
N THR B 200 -13.21 -1.88 52.88
CA THR B 200 -13.34 -0.78 51.93
C THR B 200 -12.53 -1.05 50.68
N TYR B 201 -13.06 -0.52 49.59
CA TYR B 201 -12.56 -0.76 48.25
C TYR B 201 -12.21 0.60 47.66
N ILE B 202 -10.95 0.73 47.23
CA ILE B 202 -10.46 1.96 46.72
C ILE B 202 -9.68 1.69 45.44
N CYS B 203 -9.89 2.56 44.44
CA CYS B 203 -9.13 2.44 43.21
C CYS B 203 -8.11 3.55 43.19
N ASN B 204 -6.93 3.18 42.70
CA ASN B 204 -5.78 4.04 42.66
C ASN B 204 -5.50 4.38 41.21
N VAL B 205 -5.75 5.65 40.85
CA VAL B 205 -5.62 6.08 39.45
C VAL B 205 -4.39 6.91 39.29
N ASN B 206 -3.51 6.50 38.38
CA ASN B 206 -2.35 7.32 38.03
C ASN B 206 -2.29 7.62 36.52
N HIS B 207 -2.18 8.92 36.26
CA HIS B 207 -2.03 9.47 34.93
C HIS B 207 -0.75 10.31 34.89
N LYS B 208 0.37 9.60 34.74
CA LYS B 208 1.74 10.18 34.67
C LYS B 208 1.89 11.39 33.78
N PRO B 209 1.30 11.36 32.59
CA PRO B 209 1.47 12.48 31.69
C PRO B 209 0.92 13.81 32.16
N SER B 210 -0.05 13.81 33.08
CA SER B 210 -0.52 15.03 33.69
C SER B 210 -0.03 15.17 35.10
N ASN B 211 0.68 14.16 35.58
CA ASN B 211 1.22 14.16 36.93
C ASN B 211 0.01 14.24 37.94
N THR B 212 -0.97 13.37 37.69
CA THR B 212 -2.22 13.29 38.42
C THR B 212 -2.29 11.92 39.06
N LYS B 213 -2.58 11.94 40.36
CA LYS B 213 -3.01 10.79 41.13
C LYS B 213 -4.33 11.08 41.84
N VAL B 214 -5.21 10.11 41.70
CA VAL B 214 -6.52 10.15 42.29
C VAL B 214 -6.77 8.81 42.94
N ASP B 215 -7.30 8.85 44.13
CA ASP B 215 -7.70 7.68 44.85
C ASP B 215 -9.18 7.87 45.11
N LYS B 216 -9.98 6.84 44.88
CA LYS B 216 -11.42 6.97 45.14
C LYS B 216 -11.92 5.73 45.81
N ARG B 217 -12.26 5.89 47.08
CA ARG B 217 -13.03 4.91 47.83
C ARG B 217 -14.43 4.75 47.25
N VAL B 218 -14.86 3.50 47.07
CA VAL B 218 -16.06 3.16 46.34
C VAL B 218 -17.03 2.55 47.31
N GLU B 219 -18.21 3.12 47.43
CA GLU B 219 -19.18 2.74 48.49
C GLU B 219 -20.53 2.38 47.86
N PRO B 220 -21.46 1.74 48.58
CA PRO B 220 -21.35 1.66 49.99
C PRO B 220 -21.17 0.23 50.42
N SER C 7 -11.70 -15.68 7.52
CA SER C 7 -12.95 -16.40 7.97
C SER C 7 -12.75 -17.26 9.25
N PRO C 8 -13.55 -16.96 10.32
CA PRO C 8 -14.24 -15.63 10.55
C PRO C 8 -13.44 -14.82 11.60
N SER C 9 -14.01 -13.77 12.19
CA SER C 9 -13.19 -12.89 13.00
C SER C 9 -12.50 -13.55 14.23
N THR C 10 -13.21 -14.35 15.01
CA THR C 10 -12.57 -15.13 16.06
C THR C 10 -12.69 -16.60 15.78
N LEU C 11 -11.69 -17.33 16.23
CA LEU C 11 -11.56 -18.77 16.10
C LEU C 11 -10.97 -19.35 17.41
N TYR C 12 -11.65 -20.33 17.95
CA TYR C 12 -11.34 -20.82 19.27
C TYR C 12 -10.72 -22.21 19.18
N ALA C 13 -9.59 -22.41 19.86
CA ALA C 13 -8.89 -23.69 19.83
C ALA C 13 -7.98 -23.94 21.05
N SER C 14 -7.50 -25.16 21.17
CA SER C 14 -6.65 -25.57 22.25
C SER C 14 -5.19 -25.67 21.81
N VAL C 15 -4.30 -25.47 22.77
CA VAL C 15 -2.89 -25.77 22.57
C VAL C 15 -2.80 -27.20 22.06
N GLY C 16 -1.98 -27.37 21.02
CA GLY C 16 -1.81 -28.66 20.37
C GLY C 16 -2.82 -29.07 19.29
N ASP C 17 -3.90 -28.31 19.04
CA ASP C 17 -4.81 -28.63 17.90
C ASP C 17 -4.25 -28.21 16.54
N LYS C 18 -4.52 -28.99 15.48
CA LYS C 18 -4.43 -28.48 14.10
C LYS C 18 -5.55 -27.42 13.82
N ILE C 19 -5.19 -26.23 13.30
CA ILE C 19 -6.21 -25.31 12.81
C ILE C 19 -5.99 -24.80 11.40
N THR C 20 -7.10 -24.43 10.74
CA THR C 20 -7.10 -23.91 9.36
C THR C 20 -7.77 -22.53 9.33
N ILE C 21 -7.11 -21.54 8.73
CA ILE C 21 -7.71 -20.20 8.53
C ILE C 21 -7.94 -19.98 7.04
N THR C 22 -9.15 -19.70 6.60
CA THR C 22 -9.40 -19.66 5.17
C THR C 22 -9.85 -18.26 4.69
N CYS C 23 -9.27 -17.77 3.58
CA CYS C 23 -9.78 -16.66 2.81
C CYS C 23 -10.08 -17.16 1.40
N ARG C 24 -10.79 -16.34 0.67
CA ARG C 24 -11.31 -16.69 -0.64
C ARG C 24 -11.08 -15.50 -1.55
N SER C 25 -10.70 -15.74 -2.80
CA SER C 25 -10.52 -14.66 -3.78
C SER C 25 -10.97 -15.06 -5.18
N SER C 26 -11.52 -14.10 -5.93
CA SER C 26 -11.91 -14.35 -7.34
C SER C 26 -10.75 -14.83 -8.23
N GLN C 27 -9.62 -14.13 -8.11
CA GLN C 27 -8.53 -14.17 -9.08
C GLN C 27 -7.31 -14.91 -8.49
N SER C 28 -6.19 -14.82 -9.21
CA SER C 28 -4.88 -15.15 -8.63
C SER C 28 -3.87 -14.04 -9.08
N GLY C 29 -2.76 -13.90 -8.33
CA GLY C 29 -2.01 -15.07 -7.84
C GLY C 29 -1.61 -15.27 -6.38
N TRP C 30 -0.49 -14.68 -6.06
CA TRP C 30 0.27 -15.05 -4.94
C TRP C 30 -0.34 -14.45 -3.71
N LYS C 31 -0.53 -15.33 -2.73
CA LYS C 31 -1.16 -14.97 -1.52
C LYS C 31 -0.10 -14.88 -0.45
N ALA C 32 -0.22 -13.94 0.46
CA ALA C 32 0.63 -13.94 1.65
C ALA C 32 -0.19 -14.01 2.95
N TRP C 33 0.52 -14.30 4.05
CA TRP C 33 -0.08 -14.42 5.40
C TRP C 33 0.74 -13.71 6.46
N TYR C 34 0.07 -12.97 7.35
CA TYR C 34 0.76 -12.20 8.38
C TYR C 34 0.20 -12.56 9.76
N GLN C 35 1.03 -12.47 10.81
CA GLN C 35 0.59 -12.59 12.18
C GLN C 35 0.83 -11.24 12.83
N GLN C 36 -0.07 -10.82 13.72
CA GLN C 36 0.12 -9.61 14.47
C GLN C 36 -0.26 -9.84 15.91
N LYS C 37 0.57 -9.31 16.75
CA LYS C 37 0.39 -9.32 18.17
C LYS C 37 0.04 -7.85 18.57
N PRO C 38 -0.71 -7.68 19.68
CA PRO C 38 -1.03 -6.32 20.17
C PRO C 38 0.20 -5.43 20.31
N GLY C 39 0.09 -4.19 19.80
CA GLY C 39 1.20 -3.24 19.92
C GLY C 39 2.45 -3.52 19.07
N LYS C 40 2.32 -4.36 18.04
CA LYS C 40 3.41 -4.73 17.15
C LYS C 40 3.00 -4.72 15.68
N ALA C 41 4.02 -4.59 14.86
CA ALA C 41 3.84 -4.71 13.45
C ALA C 41 3.50 -6.12 13.10
N PRO C 42 2.77 -6.28 11.98
CA PRO C 42 2.52 -7.59 11.35
C PRO C 42 3.82 -8.30 10.96
N LYS C 43 3.90 -9.62 11.03
CA LYS C 43 5.09 -10.34 10.61
C LYS C 43 4.68 -11.21 9.48
N LEU C 44 5.51 -11.24 8.44
CA LEU C 44 5.29 -12.11 7.32
C LEU C 44 5.58 -13.61 7.67
N LEU C 45 4.61 -14.49 7.37
CA LEU C 45 4.68 -15.93 7.58
C LEU C 45 4.89 -16.65 6.29
N ILE C 46 3.98 -16.41 5.32
CA ILE C 46 3.93 -17.12 4.08
C ILE C 46 3.86 -16.10 2.92
N TYR C 47 4.69 -16.33 1.89
CA TYR C 47 4.56 -15.64 0.63
C TYR C 47 4.49 -16.66 -0.49
N LYS C 48 4.07 -16.15 -1.64
CA LYS C 48 3.76 -16.92 -2.80
C LYS C 48 2.88 -18.08 -2.51
N SER C 49 1.81 -17.80 -1.80
N SER C 49 1.83 -17.79 -1.75
CA SER C 49 0.80 -18.75 -1.38
CA SER C 49 0.80 -18.73 -1.37
C SER C 49 1.25 -19.86 -0.40
C SER C 49 1.22 -19.90 -0.44
N SER C 50 2.44 -20.42 -0.61
CA SER C 50 2.91 -21.56 0.16
C SER C 50 4.37 -21.54 0.63
N ILE C 51 5.10 -20.44 0.49
CA ILE C 51 6.51 -20.41 0.90
C ILE C 51 6.75 -19.81 2.30
N LEU C 52 7.46 -20.56 3.16
CA LEU C 52 7.76 -20.11 4.50
C LEU C 52 8.79 -19.04 4.46
N GLU C 53 8.54 -17.94 5.14
CA GLU C 53 9.57 -16.95 5.41
C GLU C 53 10.59 -17.52 6.41
N THR C 54 11.87 -17.32 6.13
CA THR C 54 12.91 -17.92 6.94
C THR C 54 12.82 -17.42 8.41
N GLY C 55 12.88 -18.37 9.34
CA GLY C 55 12.67 -18.10 10.78
C GLY C 55 11.29 -18.43 11.32
N VAL C 56 10.36 -18.79 10.43
CA VAL C 56 9.02 -19.01 10.84
C VAL C 56 8.88 -20.53 10.99
N PRO C 57 8.33 -20.99 12.12
CA PRO C 57 8.27 -22.43 12.37
C PRO C 57 7.53 -23.18 11.31
N SER C 58 7.98 -24.38 10.98
CA SER C 58 7.38 -25.10 9.88
C SER C 58 5.98 -25.64 10.17
N ARG C 59 5.47 -25.43 11.40
CA ARG C 59 4.07 -25.71 11.75
C ARG C 59 3.05 -24.85 11.03
N PHE C 60 3.51 -23.68 10.53
CA PHE C 60 2.76 -22.79 9.63
C PHE C 60 2.86 -23.24 8.22
N ILE C 61 1.72 -23.64 7.64
CA ILE C 61 1.62 -24.16 6.24
C ILE C 61 0.63 -23.31 5.41
N GLY C 62 1.09 -22.84 4.25
CA GLY C 62 0.22 -22.11 3.36
C GLY C 62 -0.18 -23.01 2.22
N SER C 63 -1.48 -23.08 1.91
CA SER C 63 -1.95 -23.68 0.65
C SER C 63 -2.87 -22.76 -0.17
N ASP C 64 -3.06 -23.14 -1.42
CA ASP C 64 -3.85 -22.31 -2.36
C ASP C 64 -4.41 -23.19 -3.47
N SER C 65 -5.72 -23.44 -3.41
CA SER C 65 -6.44 -24.30 -4.37
C SER C 65 -7.15 -23.54 -5.48
N GLY C 66 -6.57 -22.44 -5.93
CA GLY C 66 -7.17 -21.64 -6.97
C GLY C 66 -7.82 -20.41 -6.36
N THR C 67 -9.06 -20.58 -5.88
CA THR C 67 -9.90 -19.47 -5.43
C THR C 67 -10.13 -19.46 -3.92
N GLU C 68 -9.36 -20.25 -3.21
CA GLU C 68 -9.54 -20.45 -1.80
C GLU C 68 -8.19 -20.80 -1.27
N PHE C 69 -7.69 -20.04 -0.32
CA PHE C 69 -6.34 -20.26 0.22
C PHE C 69 -6.34 -20.21 1.75
N THR C 70 -5.42 -20.94 2.35
CA THR C 70 -5.53 -21.28 3.79
C THR C 70 -4.18 -21.21 4.45
N LEU C 71 -4.21 -20.76 5.70
CA LEU C 71 -3.10 -20.88 6.66
C LEU C 71 -3.43 -22.04 7.60
N THR C 72 -2.63 -23.10 7.58
CA THR C 72 -2.78 -24.16 8.58
C THR C 72 -1.66 -24.08 9.65
N ILE C 73 -2.01 -24.32 10.91
CA ILE C 73 -1.07 -24.38 12.01
C ILE C 73 -1.19 -25.81 12.50
N SER C 74 -0.19 -26.63 12.25
CA SER C 74 -0.36 -28.07 12.44
C SER C 74 -0.38 -28.45 13.90
N SER C 75 0.26 -27.65 14.75
CA SER C 75 0.14 -27.88 16.21
C SER C 75 0.16 -26.54 16.94
N LEU C 76 -1.02 -26.07 17.36
CA LEU C 76 -1.16 -24.78 18.01
C LEU C 76 -0.29 -24.62 19.25
N GLN C 77 0.57 -23.60 19.24
CA GLN C 77 1.42 -23.30 20.41
C GLN C 77 0.90 -22.09 21.12
N PRO C 78 1.29 -21.88 22.40
CA PRO C 78 0.77 -20.68 23.09
C PRO C 78 1.03 -19.36 22.40
N ASP C 79 2.17 -19.23 21.72
CA ASP C 79 2.53 -18.02 20.98
C ASP C 79 1.60 -17.78 19.77
N ASP C 80 1.01 -18.82 19.23
CA ASP C 80 0.22 -18.72 18.02
C ASP C 80 -1.16 -18.08 18.27
N PHE C 81 -1.56 -17.85 19.53
CA PHE C 81 -2.81 -17.16 19.84
C PHE C 81 -2.62 -15.69 19.52
N ALA C 82 -3.16 -15.28 18.38
CA ALA C 82 -2.89 -13.98 17.84
C ALA C 82 -3.85 -13.73 16.71
N THR C 83 -3.68 -12.60 16.00
CA THR C 83 -4.53 -12.24 14.84
C THR C 83 -3.77 -12.58 13.54
N TYR C 84 -4.46 -13.16 12.55
CA TYR C 84 -3.86 -13.55 11.32
C TYR C 84 -4.50 -12.77 10.13
N TYR C 85 -3.68 -12.16 9.27
CA TYR C 85 -4.22 -11.51 8.08
C TYR C 85 -3.77 -12.19 6.81
N CYS C 86 -4.72 -12.45 5.92
CA CYS C 86 -4.36 -12.85 4.56
C CYS C 86 -4.19 -11.61 3.69
N GLN C 87 -3.37 -11.77 2.66
CA GLN C 87 -3.10 -10.72 1.70
C GLN C 87 -3.23 -11.24 0.29
N HIS C 88 -3.69 -10.38 -0.60
CA HIS C 88 -3.72 -10.66 -2.03
C HIS C 88 -3.55 -9.31 -2.66
N PHE C 89 -2.33 -9.02 -3.08
CA PHE C 89 -1.91 -7.69 -3.53
C PHE C 89 -2.21 -6.63 -2.45
N GLU C 90 -2.84 -5.52 -2.81
CA GLU C 90 -3.14 -4.50 -1.82
C GLU C 90 -4.17 -4.90 -0.75
N THR C 91 -5.02 -5.88 -1.04
CA THR C 91 -6.20 -6.07 -0.20
C THR C 91 -5.85 -7.03 0.93
N PHE C 92 -6.37 -6.78 2.11
CA PHE C 92 -6.17 -7.71 3.25
C PHE C 92 -7.50 -8.28 3.70
N GLY C 93 -7.47 -9.54 4.15
CA GLY C 93 -8.55 -10.13 4.96
C GLY C 93 -8.97 -9.27 6.15
N GLN C 94 -10.22 -9.45 6.55
CA GLN C 94 -10.74 -8.87 7.79
C GLN C 94 -9.83 -9.17 9.00
N GLY C 95 -9.28 -10.38 9.11
CA GLY C 95 -8.45 -10.71 10.29
C GLY C 95 -9.15 -11.77 11.10
N THR C 96 -8.43 -12.82 11.44
CA THR C 96 -8.92 -13.88 12.29
C THR C 96 -8.08 -13.94 13.54
N ARG C 97 -8.76 -13.75 14.66
CA ARG C 97 -8.20 -13.73 16.00
C ARG C 97 -8.26 -15.16 16.52
N VAL C 98 -7.12 -15.79 16.75
CA VAL C 98 -7.10 -17.14 17.29
C VAL C 98 -7.07 -17.01 18.82
N GLN C 99 -8.05 -17.65 19.45
CA GLN C 99 -8.33 -17.53 20.89
C GLN C 99 -8.42 -18.91 21.57
N VAL C 100 -8.18 -18.92 22.90
CA VAL C 100 -8.23 -20.13 23.70
C VAL C 100 -9.65 -20.67 23.85
N ARG C 101 -9.85 -21.94 23.50
CA ARG C 101 -11.17 -22.58 23.62
C ARG C 101 -11.41 -23.06 25.07
N ARG C 102 -12.63 -22.84 25.57
CA ARG C 102 -13.09 -23.31 26.88
C ARG C 102 -14.57 -23.55 26.72
N THR C 103 -15.23 -23.94 27.78
CA THR C 103 -16.65 -24.19 27.74
C THR C 103 -17.43 -22.89 27.75
N VAL C 104 -18.71 -22.93 27.41
CA VAL C 104 -19.56 -21.76 27.40
C VAL C 104 -19.84 -21.25 28.80
N ALA C 105 -19.76 -19.92 28.94
CA ALA C 105 -20.10 -19.23 30.17
C ALA C 105 -20.84 -17.93 29.85
N ALA C 106 -21.99 -17.88 30.44
CA ALA C 106 -22.88 -16.76 30.34
C ALA C 106 -22.44 -15.56 31.18
N PRO C 107 -22.58 -14.34 30.64
CA PRO C 107 -22.21 -13.19 31.43
C PRO C 107 -23.08 -13.00 32.68
N SER C 108 -22.44 -12.52 33.72
CA SER C 108 -23.11 -11.92 34.84
C SER C 108 -23.23 -10.48 34.46
N VAL C 109 -24.41 -9.94 34.68
CA VAL C 109 -24.69 -8.59 34.21
C VAL C 109 -24.92 -7.61 35.33
N PHE C 110 -24.26 -6.47 35.23
CA PHE C 110 -24.42 -5.41 36.20
C PHE C 110 -24.64 -4.10 35.51
N ILE C 111 -25.42 -3.24 36.14
CA ILE C 111 -25.67 -1.89 35.64
C ILE C 111 -25.38 -0.86 36.73
N PHE C 112 -24.74 0.24 36.34
CA PHE C 112 -24.36 1.25 37.30
C PHE C 112 -24.97 2.60 36.87
N PRO C 113 -25.75 3.23 37.75
CA PRO C 113 -26.10 4.61 37.43
C PRO C 113 -24.88 5.53 37.50
N PRO C 114 -24.96 6.74 36.92
CA PRO C 114 -23.93 7.74 37.17
C PRO C 114 -23.87 8.16 38.63
N SER C 115 -22.68 8.25 39.19
CA SER C 115 -22.48 8.88 40.51
C SER C 115 -23.12 10.28 40.61
N ASP C 116 -23.52 10.73 41.81
CA ASP C 116 -24.01 12.10 41.96
C ASP C 116 -22.92 13.10 41.69
N GLU C 117 -21.69 12.70 42.00
CA GLU C 117 -20.48 13.50 41.81
C GLU C 117 -20.28 13.86 40.34
N GLN C 118 -20.40 12.89 39.44
CA GLN C 118 -20.38 13.18 37.98
C GLN C 118 -21.56 14.05 37.56
N LEU C 119 -22.74 13.69 38.02
CA LEU C 119 -23.99 14.35 37.64
C LEU C 119 -23.96 15.85 37.81
N LYS C 120 -23.38 16.30 38.91
CA LYS C 120 -23.13 17.72 39.17
C LYS C 120 -22.58 18.52 37.97
N SER C 121 -21.78 17.88 37.11
CA SER C 121 -21.04 18.63 36.09
C SER C 121 -21.56 18.47 34.65
N GLY C 122 -22.83 18.13 34.49
CA GLY C 122 -23.49 18.20 33.19
C GLY C 122 -23.25 17.08 32.18
N THR C 123 -22.73 15.94 32.63
CA THR C 123 -22.72 14.69 31.83
C THR C 123 -23.07 13.54 32.76
N ALA C 124 -23.59 12.46 32.20
CA ALA C 124 -23.92 11.27 32.94
C ALA C 124 -23.48 10.01 32.13
N SER C 125 -22.64 9.18 32.72
CA SER C 125 -22.28 7.92 32.12
C SER C 125 -23.07 6.82 32.81
N VAL C 126 -23.61 5.92 32.01
CA VAL C 126 -24.33 4.78 32.53
C VAL C 126 -23.53 3.57 32.04
N VAL C 127 -23.05 2.75 32.97
CA VAL C 127 -22.19 1.65 32.65
C VAL C 127 -22.92 0.33 32.80
N CYS C 128 -22.73 -0.55 31.84
CA CYS C 128 -23.23 -1.90 31.91
C CYS C 128 -22.08 -2.88 31.78
N LEU C 129 -21.92 -3.74 32.80
CA LEU C 129 -20.86 -4.75 32.86
C LEU C 129 -21.40 -6.14 32.52
N LEU C 130 -20.70 -6.82 31.62
CA LEU C 130 -20.92 -8.21 31.29
C LEU C 130 -19.61 -8.87 31.68
N ASN C 131 -19.64 -9.75 32.71
CA ASN C 131 -18.42 -10.24 33.40
C ASN C 131 -18.22 -11.74 33.26
N ASN C 132 -17.01 -12.12 32.86
CA ASN C 132 -16.58 -13.54 32.80
C ASN C 132 -17.44 -14.44 31.91
N PHE C 133 -17.61 -14.05 30.65
CA PHE C 133 -18.42 -14.79 29.68
C PHE C 133 -17.56 -15.38 28.58
N TYR C 134 -18.14 -16.34 27.87
CA TYR C 134 -17.47 -16.99 26.76
C TYR C 134 -18.51 -17.68 25.88
N PRO C 135 -18.46 -17.51 24.55
CA PRO C 135 -17.37 -16.86 23.79
C PRO C 135 -17.49 -15.34 23.77
N ARG C 136 -16.61 -14.68 23.02
CA ARG C 136 -16.53 -13.22 22.98
C ARG C 136 -17.79 -12.53 22.45
N GLU C 137 -18.47 -13.17 21.51
CA GLU C 137 -19.62 -12.59 20.80
C GLU C 137 -20.78 -12.30 21.79
N ALA C 138 -21.24 -11.06 21.81
CA ALA C 138 -22.40 -10.68 22.65
C ALA C 138 -23.03 -9.39 22.16
N LYS C 139 -24.30 -9.23 22.40
CA LYS C 139 -25.03 -8.10 21.95
C LYS C 139 -25.53 -7.36 23.19
N VAL C 140 -25.27 -6.06 23.23
CA VAL C 140 -25.73 -5.21 24.30
C VAL C 140 -26.61 -4.12 23.74
N GLN C 141 -27.85 -4.07 24.20
CA GLN C 141 -28.77 -3.04 23.75
C GLN C 141 -29.23 -2.20 24.94
N TRP C 142 -29.19 -0.88 24.75
CA TRP C 142 -29.57 0.08 25.78
C TRP C 142 -30.95 0.60 25.47
N LYS C 143 -31.75 0.77 26.54
CA LYS C 143 -33.12 1.26 26.47
C LYS C 143 -33.37 2.32 27.56
N VAL C 144 -34.25 3.28 27.28
CA VAL C 144 -34.54 4.41 28.21
C VAL C 144 -36.04 4.76 28.20
N ASP C 145 -36.76 4.31 29.23
CA ASP C 145 -38.23 4.23 29.21
C ASP C 145 -38.65 3.40 28.00
N ASN C 146 -38.01 2.25 27.82
CA ASN C 146 -38.28 1.32 26.70
C ASN C 146 -37.89 1.77 25.27
N ALA C 147 -37.42 3.00 25.08
CA ALA C 147 -36.90 3.44 23.77
C ALA C 147 -35.46 2.96 23.61
N LEU C 148 -35.20 2.06 22.67
CA LEU C 148 -33.83 1.67 22.46
C LEU C 148 -33.04 2.87 21.89
N GLN C 149 -31.79 2.99 22.34
CA GLN C 149 -30.90 4.10 21.98
C GLN C 149 -29.89 3.59 20.97
N SER C 150 -29.20 4.55 20.34
CA SER C 150 -28.19 4.28 19.32
C SER C 150 -27.33 5.52 19.03
N GLY C 151 -26.06 5.31 18.64
CA GLY C 151 -25.09 6.40 18.48
C GLY C 151 -24.33 6.82 19.75
N ASN C 152 -24.99 6.71 20.92
CA ASN C 152 -24.53 7.26 22.21
C ASN C 152 -23.92 6.22 23.21
N SER C 153 -23.35 5.13 22.72
CA SER C 153 -22.72 4.10 23.55
C SER C 153 -21.39 3.65 22.91
N GLN C 154 -20.37 3.38 23.71
CA GLN C 154 -19.17 2.72 23.25
C GLN C 154 -18.97 1.46 24.08
N GLU C 155 -18.37 0.43 23.49
CA GLU C 155 -17.95 -0.79 24.18
C GLU C 155 -16.45 -0.90 24.20
N SER C 156 -15.94 -1.59 25.23
CA SER C 156 -14.58 -2.12 25.28
C SER C 156 -14.63 -3.52 25.85
N VAL C 157 -13.70 -4.33 25.41
CA VAL C 157 -13.59 -5.69 25.82
C VAL C 157 -12.20 -5.94 26.25
N THR C 158 -12.09 -6.77 27.28
CA THR C 158 -10.80 -7.20 27.76
C THR C 158 -10.18 -8.27 26.85
N GLU C 159 -8.87 -8.34 26.98
CA GLU C 159 -8.11 -9.49 26.54
C GLU C 159 -8.62 -10.74 27.29
N GLN C 160 -8.64 -11.87 26.59
CA GLN C 160 -9.05 -13.11 27.16
C GLN C 160 -8.29 -13.32 28.48
N ASP C 161 -9.01 -13.61 29.55
CA ASP C 161 -8.35 -13.91 30.81
C ASP C 161 -7.41 -15.13 30.67
N SER C 162 -6.16 -14.95 31.14
CA SER C 162 -5.12 -15.97 30.98
C SER C 162 -5.34 -17.18 31.90
N LYS C 163 -6.10 -17.03 32.98
CA LYS C 163 -6.39 -18.13 33.91
C LYS C 163 -7.67 -18.91 33.61
N ASP C 164 -8.76 -18.22 33.30
CA ASP C 164 -10.09 -18.86 33.04
C ASP C 164 -10.65 -18.71 31.59
N SER C 165 -9.88 -18.02 30.73
CA SER C 165 -10.19 -17.86 29.29
C SER C 165 -11.49 -17.11 28.97
N THR C 166 -11.99 -16.30 29.90
CA THR C 166 -13.23 -15.56 29.68
C THR C 166 -12.95 -14.11 29.22
N TYR C 167 -14.01 -13.42 28.92
CA TYR C 167 -13.94 -12.06 28.53
C TYR C 167 -14.82 -11.29 29.48
N SER C 168 -14.54 -10.00 29.57
CA SER C 168 -15.45 -9.07 30.19
C SER C 168 -15.63 -7.88 29.26
N LEU C 169 -16.81 -7.26 29.36
CA LEU C 169 -17.15 -6.16 28.49
C LEU C 169 -17.89 -5.08 29.26
N SER C 170 -17.57 -3.82 28.97
CA SER C 170 -18.35 -2.69 29.44
C SER C 170 -19.05 -2.01 28.28
N SER C 171 -20.32 -1.67 28.48
CA SER C 171 -20.95 -0.73 27.57
C SER C 171 -21.31 0.49 28.36
N THR C 172 -21.01 1.65 27.78
CA THR C 172 -21.17 2.93 28.47
C THR C 172 -22.12 3.87 27.68
N LEU C 173 -23.32 4.10 28.21
CA LEU C 173 -24.22 5.08 27.64
C LEU C 173 -23.76 6.48 28.07
N THR C 174 -23.63 7.41 27.11
CA THR C 174 -23.36 8.83 27.45
C THR C 174 -24.53 9.74 27.10
N LEU C 175 -25.05 10.42 28.13
CA LEU C 175 -26.13 11.40 28.00
C LEU C 175 -25.63 12.73 28.50
N SER C 176 -26.36 13.78 28.14
CA SER C 176 -26.31 15.03 28.87
C SER C 176 -27.09 14.78 30.16
N LYS C 177 -26.81 15.56 31.19
CA LYS C 177 -27.56 15.50 32.44
C LYS C 177 -29.00 15.97 32.18
N ALA C 178 -29.17 17.07 31.43
CA ALA C 178 -30.49 17.50 30.96
C ALA C 178 -31.30 16.29 30.45
N ASP C 179 -30.69 15.50 29.53
CA ASP C 179 -31.31 14.26 29.04
C ASP C 179 -31.51 13.19 30.14
N TYR C 180 -30.47 12.87 30.92
CA TYR C 180 -30.58 11.84 31.98
C TYR C 180 -31.75 12.13 32.92
N GLU C 181 -31.90 13.40 33.29
CA GLU C 181 -32.94 13.78 34.26
C GLU C 181 -34.37 13.81 33.71
N LYS C 182 -34.56 13.91 32.40
CA LYS C 182 -35.91 13.85 31.80
C LYS C 182 -36.47 12.43 31.61
N HIS C 183 -35.71 11.37 31.95
CA HIS C 183 -36.16 9.98 31.77
C HIS C 183 -35.96 9.18 33.08
N LYS C 184 -36.55 7.98 33.18
CA LYS C 184 -36.65 7.24 34.47
C LYS C 184 -36.01 5.83 34.51
N VAL C 185 -36.52 4.91 33.69
CA VAL C 185 -36.06 3.51 33.65
C VAL C 185 -34.89 3.42 32.67
N TYR C 186 -33.74 2.96 33.16
CA TYR C 186 -32.53 2.80 32.34
C TYR C 186 -32.09 1.33 32.32
N ALA C 187 -32.23 0.70 31.16
CA ALA C 187 -32.10 -0.75 31.02
C ALA C 187 -30.97 -1.14 30.08
N CYS C 188 -30.22 -2.13 30.52
CA CYS C 188 -29.19 -2.78 29.75
C CYS C 188 -29.68 -4.20 29.37
N GLU C 189 -29.73 -4.51 28.07
CA GLU C 189 -30.25 -5.79 27.56
C GLU C 189 -29.15 -6.58 26.88
N VAL C 190 -28.89 -7.78 27.37
CA VAL C 190 -27.77 -8.58 26.91
C VAL C 190 -28.23 -9.87 26.21
N THR C 191 -27.59 -10.21 25.10
CA THR C 191 -27.85 -11.43 24.36
C THR C 191 -26.54 -12.20 24.26
N HIS C 192 -26.61 -13.52 24.49
CA HIS C 192 -25.40 -14.37 24.48
C HIS C 192 -25.69 -15.86 24.40
N GLN C 193 -24.89 -16.54 23.58
CA GLN C 193 -24.79 -17.99 23.58
C GLN C 193 -25.16 -18.51 24.97
N GLY C 194 -26.17 -19.32 25.05
CA GLY C 194 -26.85 -19.47 26.33
C GLY C 194 -26.33 -18.79 27.65
N LEU C 195 -27.09 -17.99 28.37
CA LEU C 195 -28.26 -17.21 27.97
C LEU C 195 -29.32 -17.76 27.03
N SER C 196 -30.18 -18.58 27.65
CA SER C 196 -31.39 -19.14 27.02
C SER C 196 -32.28 -18.09 26.39
N SER C 197 -32.52 -17.01 27.14
CA SER C 197 -33.14 -15.79 26.63
C SER C 197 -32.45 -14.55 27.22
N PRO C 198 -32.50 -13.43 26.48
CA PRO C 198 -31.88 -12.18 26.88
C PRO C 198 -32.09 -11.75 28.32
N VAL C 199 -31.05 -11.22 28.95
CA VAL C 199 -31.08 -10.76 30.35
C VAL C 199 -31.09 -9.22 30.40
N THR C 200 -31.91 -8.64 31.28
CA THR C 200 -32.03 -7.19 31.42
C THR C 200 -31.75 -6.81 32.87
N LYS C 201 -30.83 -5.87 33.03
CA LYS C 201 -30.63 -5.23 34.32
C LYS C 201 -31.05 -3.79 34.13
N SER C 202 -31.73 -3.24 35.12
CA SER C 202 -32.14 -1.84 35.06
C SER C 202 -32.28 -1.20 36.44
N PHE C 203 -32.46 0.10 36.43
CA PHE C 203 -32.73 0.85 37.63
C PHE C 203 -33.67 1.96 37.27
N ASN C 204 -34.34 2.46 38.30
CA ASN C 204 -35.07 3.72 38.25
C ASN C 204 -34.21 4.81 38.87
N ARG C 205 -33.94 5.88 38.09
CA ARG C 205 -33.21 7.03 38.60
C ARG C 205 -33.71 7.40 40.02
N GLY C 206 -32.88 7.15 41.05
CA GLY C 206 -33.24 7.35 42.47
C GLY C 206 -33.09 6.09 43.32
#